data_7MSK
#
_entry.id   7MSK
#
_cell.length_a   49.833
_cell.length_b   112.654
_cell.length_c   90.310
_cell.angle_alpha   90.000
_cell.angle_beta   90.110
_cell.angle_gamma   90.000
#
_symmetry.space_group_name_H-M   'P 1 21 1'
#
loop_
_entity.id
_entity.type
_entity.pdbx_description
1 polymer 'Glyco_trans_2-like domain-containing protein'
2 non-polymer 'MAGNESIUM ION'
3 non-polymer "URIDINE-5'-DIPHOSPHATE-2-DEOXY-2-FLUORO-ALPHA-D-GLUCOSE"
4 water water
#
_entity_poly.entity_id   1
_entity_poly.type   'polypeptide(L)'
_entity_poly.pdbx_seq_one_letter_code
;GSHMASMETLNDLVTRLEHSHPNSSLLKDLSLIQGNEQYNYIKWGDLSNSQNLNELVFQYEKAPYPSITCGILTYNEERC
IKRCLDSLGSQFDEILVLDSHSTDNTTKIINRDFPMVKVIYEPWIDDFSFHRNKLISLTSSEWIYYIDADNYCVDSTNKF
KRVAKLIQFLSIDCIISPMIKEHIGHVYTDNRKMFSVKKGIQFKGKVHEEPINADGSIPQNITVDIMICHDGYDPEVINL
SEKNDRNIKLTRQMMEEEPSNPKWLYFYARELHYASEDTHIIETLLIKAIDLYKQSTYKRYQPEAILLLCSILFQKRQIR
KLNEYLDLLEELQPLCSDVNYYRSLILFYDIRLKTGKLLDTLKSSELENNKYSFIDSSKDHIKALLIELYCSIDDWEGAF
TLFDELQSTEARNKFLRRVKTINTHISKKI
;
_entity_poly.pdbx_strand_id   A,B
#
loop_
_chem_comp.id
_chem_comp.type
_chem_comp.name
_chem_comp.formula
MG non-polymer 'MAGNESIUM ION' 'Mg 2'
U2F non-polymer URIDINE-5'-DIPHOSPHATE-2-DEOXY-2-FLUORO-ALPHA-D-GLUCOSE 'C15 H23 F N2 O16 P2'
#
# COMPACT_ATOMS: atom_id res chain seq x y z
N SER A 6 -49.29 27.23 18.55
CA SER A 6 -48.24 27.19 17.48
C SER A 6 -47.02 26.42 17.98
N MET A 7 -46.57 25.42 17.22
CA MET A 7 -45.46 24.57 17.61
C MET A 7 -44.35 24.63 16.57
N GLU A 8 -43.11 24.45 17.01
CA GLU A 8 -41.96 24.40 16.12
C GLU A 8 -40.86 23.57 16.79
N THR A 9 -39.70 23.43 16.10
CA THR A 9 -38.62 22.58 16.57
C THR A 9 -37.75 23.33 17.58
N LEU A 10 -36.98 22.56 18.35
CA LEU A 10 -35.96 23.10 19.25
C LEU A 10 -34.88 23.84 18.46
N ASN A 11 -34.63 23.41 17.23
CA ASN A 11 -33.60 24.02 16.40
C ASN A 11 -34.01 25.45 16.02
N ASP A 12 -35.30 25.63 15.71
CA ASP A 12 -35.91 26.91 15.37
C ASP A 12 -35.74 27.92 16.50
N LEU A 13 -35.96 27.47 17.73
CA LEU A 13 -35.82 28.34 18.88
C LEU A 13 -34.34 28.72 19.05
N VAL A 14 -33.46 27.75 18.77
CA VAL A 14 -32.02 27.96 18.84
C VAL A 14 -31.62 29.07 17.87
N THR A 15 -32.17 29.01 16.65
CA THR A 15 -31.82 29.96 15.59
C THR A 15 -32.19 31.38 16.05
N ARG A 16 -33.46 31.57 16.42
CA ARG A 16 -33.98 32.83 16.94
C ARG A 16 -33.03 33.40 18.00
N LEU A 17 -32.61 32.55 18.94
CA LEU A 17 -31.87 32.99 20.12
C LEU A 17 -30.41 33.29 19.78
N GLU A 18 -29.88 32.62 18.74
CA GLU A 18 -28.49 32.83 18.33
C GLU A 18 -28.33 34.26 17.82
N HIS A 19 -29.38 34.81 17.20
CA HIS A 19 -29.40 36.22 16.83
C HIS A 19 -29.61 37.11 18.05
N SER A 20 -30.71 36.87 18.77
CA SER A 20 -31.22 37.76 19.80
C SER A 20 -30.42 37.68 21.09
N HIS A 21 -30.23 36.46 21.61
CA HIS A 21 -29.74 36.26 22.96
C HIS A 21 -28.68 35.18 22.97
N PRO A 22 -27.45 35.47 22.51
CA PRO A 22 -26.39 34.47 22.41
C PRO A 22 -25.77 34.11 23.76
N ASN A 23 -26.16 34.82 24.82
CA ASN A 23 -25.67 34.52 26.15
C ASN A 23 -26.81 34.18 27.10
N SER A 24 -28.02 33.96 26.57
CA SER A 24 -29.12 33.52 27.42
C SER A 24 -28.89 32.10 27.91
N SER A 25 -29.37 31.82 29.12
CA SER A 25 -29.38 30.49 29.68
C SER A 25 -30.19 29.56 28.79
N LEU A 26 -31.29 30.06 28.24
CA LEU A 26 -32.17 29.26 27.41
C LEU A 26 -31.40 28.63 26.26
N LEU A 27 -30.61 29.43 25.53
CA LEU A 27 -29.90 28.94 24.36
C LEU A 27 -28.75 28.02 24.79
N LYS A 28 -28.05 28.42 25.86
CA LYS A 28 -26.98 27.64 26.42
C LYS A 28 -27.49 26.24 26.81
N ASP A 29 -28.71 26.18 27.35
CA ASP A 29 -29.26 24.91 27.80
C ASP A 29 -29.71 24.10 26.58
N LEU A 30 -30.39 24.74 25.63
CA LEU A 30 -30.84 24.08 24.41
C LEU A 30 -29.69 23.42 23.69
N SER A 31 -28.49 24.02 23.77
CA SER A 31 -27.39 23.55 22.96
C SER A 31 -26.77 22.29 23.58
N LEU A 32 -27.18 21.92 24.81
CA LEU A 32 -26.82 20.62 25.38
C LEU A 32 -27.54 19.47 24.65
N ILE A 33 -28.65 19.77 23.97
CA ILE A 33 -29.42 18.76 23.26
C ILE A 33 -28.76 18.48 21.92
N GLN A 34 -28.43 17.22 21.65
CA GLN A 34 -27.92 16.83 20.33
C GLN A 34 -29.10 16.47 19.42
N GLY A 35 -29.00 16.88 18.15
CA GLY A 35 -30.02 16.58 17.16
C GLY A 35 -31.28 17.43 17.33
N ASN A 36 -31.07 18.69 17.77
CA ASN A 36 -32.10 19.67 18.07
C ASN A 36 -33.24 19.71 17.05
N GLU A 37 -32.92 19.44 15.78
CA GLU A 37 -33.85 19.54 14.67
C GLU A 37 -35.03 18.59 14.84
N GLN A 38 -34.79 17.41 15.42
CA GLN A 38 -35.87 16.52 15.83
C GLN A 38 -36.51 17.13 17.08
N TYR A 39 -37.64 16.59 17.55
CA TYR A 39 -38.26 17.07 18.78
C TYR A 39 -38.92 18.44 18.57
N ASN A 40 -40.07 18.62 19.22
CA ASN A 40 -40.90 19.80 19.02
C ASN A 40 -41.31 20.39 20.37
N TYR A 41 -41.76 21.65 20.34
CA TYR A 41 -42.28 22.33 21.51
C TYR A 41 -43.35 23.34 21.08
N ILE A 42 -44.15 23.81 22.05
CA ILE A 42 -45.24 24.74 21.79
C ILE A 42 -44.81 26.14 22.19
N LYS A 43 -44.66 27.05 21.22
CA LYS A 43 -44.47 28.46 21.52
C LYS A 43 -45.84 29.05 21.86
N TRP A 44 -45.84 30.17 22.60
CA TRP A 44 -47.07 30.83 23.02
C TRP A 44 -47.20 32.16 22.30
N GLY A 45 -47.43 32.07 20.98
CA GLY A 45 -47.80 33.21 20.17
C GLY A 45 -46.82 33.42 19.01
N ASP A 46 -45.95 34.43 19.17
CA ASP A 46 -45.10 34.87 18.08
C ASP A 46 -43.81 35.45 18.65
N LEU A 47 -42.69 34.78 18.35
CA LEU A 47 -41.41 35.09 18.96
C LEU A 47 -40.52 35.92 18.02
N SER A 48 -41.05 36.30 16.84
CA SER A 48 -40.40 37.27 15.99
C SER A 48 -40.51 38.67 16.61
N ASN A 49 -41.43 38.81 17.58
CA ASN A 49 -41.52 39.98 18.45
C ASN A 49 -40.41 39.92 19.49
N SER A 50 -39.59 40.98 19.55
CA SER A 50 -38.37 40.97 20.37
C SER A 50 -38.69 41.07 21.86
N GLN A 51 -39.93 41.47 22.20
CA GLN A 51 -40.36 41.57 23.58
C GLN A 51 -40.90 40.23 24.09
N ASN A 52 -41.67 39.53 23.23
CA ASN A 52 -42.16 38.20 23.54
C ASN A 52 -40.98 37.27 23.81
N LEU A 53 -40.00 37.28 22.89
CA LEU A 53 -38.81 36.46 23.00
C LEU A 53 -38.02 36.88 24.25
N ASN A 54 -37.98 38.19 24.51
CA ASN A 54 -37.28 38.71 25.66
C ASN A 54 -37.87 38.14 26.95
N GLU A 55 -39.21 37.96 26.95
CA GLU A 55 -39.92 37.50 28.12
C GLU A 55 -39.73 36.00 28.29
N LEU A 56 -39.82 35.24 27.19
CA LEU A 56 -39.52 33.82 27.21
C LEU A 56 -38.13 33.60 27.81
N VAL A 57 -37.15 34.39 27.34
CA VAL A 57 -35.78 34.26 27.78
C VAL A 57 -35.72 34.50 29.29
N PHE A 58 -36.30 35.63 29.74
CA PHE A 58 -36.23 36.01 31.14
C PHE A 58 -37.07 35.05 31.98
N GLN A 59 -38.17 34.54 31.43
CA GLN A 59 -38.95 33.51 32.11
C GLN A 59 -38.10 32.27 32.37
N TYR A 60 -37.30 31.90 31.37
CA TYR A 60 -36.42 30.74 31.52
C TYR A 60 -35.34 31.05 32.55
N GLU A 61 -34.73 32.24 32.45
CA GLU A 61 -33.71 32.65 33.41
C GLU A 61 -34.22 32.43 34.83
N LYS A 62 -35.53 32.62 34.97
CA LYS A 62 -36.19 32.86 36.23
C LYS A 62 -36.79 31.55 36.76
N ALA A 63 -36.91 30.55 35.88
CA ALA A 63 -37.61 29.31 36.22
C ALA A 63 -36.79 28.48 37.21
N PRO A 64 -37.44 27.60 38.01
CA PRO A 64 -36.71 26.78 38.98
C PRO A 64 -35.97 25.63 38.31
N TYR A 65 -34.92 25.13 38.96
CA TYR A 65 -34.32 23.85 38.60
C TYR A 65 -35.10 22.72 39.27
N PRO A 66 -35.60 21.72 38.52
CA PRO A 66 -36.22 20.55 39.14
C PRO A 66 -35.20 19.84 40.03
N SER A 67 -35.69 19.10 41.04
CA SER A 67 -34.83 18.27 41.86
C SER A 67 -34.44 16.99 41.11
N ILE A 68 -33.19 16.54 41.32
CA ILE A 68 -32.68 15.32 40.72
C ILE A 68 -32.02 14.44 41.78
N THR A 69 -32.45 13.18 41.82
CA THR A 69 -31.77 12.14 42.58
C THR A 69 -30.84 11.37 41.66
N CYS A 70 -29.61 11.12 42.13
CA CYS A 70 -28.71 10.19 41.45
C CYS A 70 -28.80 8.83 42.12
N GLY A 71 -29.20 7.81 41.35
CA GLY A 71 -29.30 6.44 41.80
C GLY A 71 -28.16 5.57 41.27
N ILE A 72 -27.51 4.83 42.17
CA ILE A 72 -26.37 3.99 41.84
C ILE A 72 -26.59 2.60 42.44
N LEU A 73 -26.51 1.58 41.58
CA LEU A 73 -26.42 0.19 42.03
C LEU A 73 -24.97 -0.14 42.31
N THR A 74 -24.69 -0.85 43.41
CA THR A 74 -23.34 -1.33 43.69
C THR A 74 -23.34 -2.80 44.13
N TYR A 75 -22.35 -3.53 43.62
CA TYR A 75 -21.95 -4.82 44.13
C TYR A 75 -20.44 -4.95 43.97
N ASN A 76 -19.69 -4.81 45.08
CA ASN A 76 -18.25 -5.04 45.13
C ASN A 76 -17.51 -4.09 44.20
N GLU A 77 -17.68 -2.80 44.46
CA GLU A 77 -17.14 -1.73 43.66
C GLU A 77 -16.11 -0.91 44.46
N GLU A 78 -15.35 -1.56 45.38
CA GLU A 78 -14.39 -0.80 46.17
C GLU A 78 -13.36 -0.17 45.23
N ARG A 79 -13.04 -0.86 44.13
CA ARG A 79 -12.13 -0.33 43.11
C ARG A 79 -12.51 1.06 42.63
N CYS A 80 -13.81 1.35 42.43
CA CYS A 80 -14.18 2.50 41.60
C CYS A 80 -15.27 3.39 42.19
N ILE A 81 -15.89 2.99 43.31
CA ILE A 81 -17.02 3.74 43.86
C ILE A 81 -16.63 5.19 44.17
N LYS A 82 -15.42 5.42 44.70
CA LYS A 82 -15.06 6.77 45.06
C LYS A 82 -14.80 7.61 43.81
N ARG A 83 -14.12 7.03 42.81
CA ARG A 83 -13.93 7.71 41.54
C ARG A 83 -15.30 8.18 41.04
N CYS A 84 -16.28 7.29 41.11
CA CYS A 84 -17.64 7.58 40.65
C CYS A 84 -18.25 8.74 41.45
N LEU A 85 -18.36 8.58 42.77
CA LEU A 85 -19.01 9.60 43.60
C LEU A 85 -18.31 10.95 43.50
N ASP A 86 -16.97 10.95 43.45
CA ASP A 86 -16.22 12.20 43.33
C ASP A 86 -16.63 12.94 42.05
N SER A 87 -16.96 12.22 40.98
CA SER A 87 -17.19 12.85 39.67
C SER A 87 -18.55 13.52 39.61
N LEU A 88 -19.45 13.20 40.55
CA LEU A 88 -20.81 13.69 40.55
C LEU A 88 -20.91 15.12 41.08
N GLY A 89 -19.97 15.53 41.93
CA GLY A 89 -19.97 16.89 42.46
C GLY A 89 -21.07 17.06 43.51
N SER A 90 -21.63 18.28 43.58
CA SER A 90 -22.66 18.64 44.55
C SER A 90 -23.97 19.00 43.84
N GLN A 91 -23.97 18.77 42.54
CA GLN A 91 -25.12 18.90 41.66
C GLN A 91 -26.41 18.38 42.30
N PHE A 92 -26.39 17.11 42.73
CA PHE A 92 -27.60 16.34 42.95
C PHE A 92 -28.24 16.69 44.29
N ASP A 93 -29.57 16.54 44.36
CA ASP A 93 -30.32 16.85 45.56
C ASP A 93 -30.27 15.69 46.54
N GLU A 94 -29.99 14.50 46.01
CA GLU A 94 -30.03 13.28 46.78
C GLU A 94 -29.19 12.28 45.99
N ILE A 95 -28.28 11.59 46.66
CA ILE A 95 -27.60 10.45 46.05
C ILE A 95 -28.01 9.20 46.83
N LEU A 96 -28.54 8.22 46.10
CA LEU A 96 -28.94 6.93 46.65
C LEU A 96 -28.05 5.84 46.08
N VAL A 97 -27.45 5.02 46.97
CA VAL A 97 -26.78 3.79 46.57
C VAL A 97 -27.63 2.62 47.04
N LEU A 98 -28.04 1.77 46.09
CA LEU A 98 -28.63 0.48 46.43
C LEU A 98 -27.57 -0.60 46.29
N ASP A 99 -27.15 -1.19 47.43
CA ASP A 99 -26.06 -2.15 47.44
C ASP A 99 -26.62 -3.55 47.61
N SER A 100 -26.07 -4.49 46.82
CA SER A 100 -26.47 -5.90 46.85
C SER A 100 -25.66 -6.70 47.88
N HIS A 101 -25.40 -6.15 49.08
CA HIS A 101 -24.59 -6.82 50.08
C HIS A 101 -23.19 -7.11 49.56
N SER A 102 -22.49 -6.07 49.09
CA SER A 102 -21.08 -6.13 48.83
C SER A 102 -20.32 -6.73 50.03
N THR A 103 -19.29 -7.53 49.75
CA THR A 103 -18.45 -8.08 50.80
C THR A 103 -17.17 -7.26 50.94
N ASP A 104 -16.85 -6.42 49.94
CA ASP A 104 -15.62 -5.64 49.96
C ASP A 104 -15.84 -4.36 50.77
N ASN A 105 -15.01 -3.33 50.56
CA ASN A 105 -15.09 -2.07 51.29
C ASN A 105 -16.11 -1.08 50.72
N THR A 106 -16.92 -1.48 49.73
CA THR A 106 -17.75 -0.53 49.01
C THR A 106 -18.47 0.43 49.96
N THR A 107 -19.25 -0.09 50.91
CA THR A 107 -20.14 0.74 51.71
C THR A 107 -19.37 1.44 52.84
N LYS A 108 -18.24 0.88 53.27
CA LYS A 108 -17.42 1.56 54.25
C LYS A 108 -16.88 2.86 53.64
N ILE A 109 -16.39 2.78 52.38
CA ILE A 109 -15.87 3.95 51.70
C ILE A 109 -16.98 4.99 51.62
N ILE A 110 -18.21 4.56 51.30
CA ILE A 110 -19.29 5.52 51.12
C ILE A 110 -19.60 6.19 52.45
N ASN A 111 -19.80 5.38 53.49
CA ASN A 111 -20.18 5.92 54.79
C ASN A 111 -19.03 6.73 55.40
N ARG A 112 -17.78 6.33 55.14
CA ARG A 112 -16.63 7.04 55.67
C ARG A 112 -16.39 8.33 54.87
N ASP A 113 -16.31 8.23 53.54
CA ASP A 113 -15.87 9.35 52.72
C ASP A 113 -17.04 10.12 52.11
N PHE A 114 -18.28 9.62 52.15
CA PHE A 114 -19.40 10.33 51.52
C PHE A 114 -20.64 10.24 52.40
N PRO A 115 -20.64 10.90 53.58
CA PRO A 115 -21.72 10.75 54.56
C PRO A 115 -23.12 11.22 54.15
N MET A 116 -23.23 12.13 53.18
CA MET A 116 -24.53 12.62 52.73
C MET A 116 -25.23 11.58 51.84
N VAL A 117 -24.45 10.65 51.27
CA VAL A 117 -24.99 9.61 50.41
C VAL A 117 -25.78 8.63 51.27
N LYS A 118 -26.98 8.26 50.83
CA LYS A 118 -27.81 7.30 51.54
C LYS A 118 -27.60 5.93 50.94
N VAL A 119 -27.41 4.91 51.79
CA VAL A 119 -27.15 3.53 51.36
C VAL A 119 -28.27 2.61 51.84
N ILE A 120 -28.94 1.94 50.89
CA ILE A 120 -29.98 0.95 51.13
C ILE A 120 -29.49 -0.41 50.62
N TYR A 121 -29.89 -1.49 51.28
CA TYR A 121 -29.47 -2.82 50.87
C TYR A 121 -30.67 -3.60 50.35
N GLU A 122 -30.42 -4.47 49.37
CA GLU A 122 -31.46 -5.26 48.74
C GLU A 122 -30.75 -6.46 48.11
N PRO A 123 -31.01 -7.69 48.61
CA PRO A 123 -30.46 -8.90 48.02
C PRO A 123 -30.67 -8.94 46.51
N TRP A 124 -29.59 -9.30 45.79
CA TRP A 124 -29.61 -9.46 44.35
C TRP A 124 -30.52 -10.63 43.97
N ILE A 125 -31.41 -10.45 42.97
CA ILE A 125 -32.30 -11.51 42.54
C ILE A 125 -32.29 -11.67 41.02
N ASP A 126 -31.13 -11.42 40.40
CA ASP A 126 -30.93 -11.62 38.97
C ASP A 126 -31.97 -10.85 38.15
N ASP A 127 -32.17 -9.57 38.52
CA ASP A 127 -33.13 -8.74 37.82
C ASP A 127 -32.77 -7.27 38.00
N PHE A 128 -32.05 -6.72 37.01
CA PHE A 128 -31.61 -5.33 37.05
C PHE A 128 -32.78 -4.36 37.15
N SER A 129 -33.91 -4.66 36.48
CA SER A 129 -35.09 -3.80 36.52
C SER A 129 -35.65 -3.65 37.93
N PHE A 130 -35.76 -4.77 38.65
CA PHE A 130 -36.28 -4.78 40.02
C PHE A 130 -35.42 -3.86 40.89
N HIS A 131 -34.10 -4.02 40.77
CA HIS A 131 -33.18 -3.18 41.50
C HIS A 131 -33.32 -1.71 41.08
N ARG A 132 -33.43 -1.43 39.76
CA ARG A 132 -33.55 -0.02 39.34
C ARG A 132 -34.90 0.58 39.74
N ASN A 133 -35.97 -0.22 39.70
CA ASN A 133 -37.29 0.28 40.06
C ASN A 133 -37.38 0.53 41.58
N LYS A 134 -36.63 -0.25 42.36
CA LYS A 134 -36.56 -0.05 43.81
C LYS A 134 -35.92 1.31 44.07
N LEU A 135 -34.98 1.74 43.22
CA LEU A 135 -34.40 3.07 43.33
C LEU A 135 -35.45 4.15 43.07
N ILE A 136 -36.31 3.94 42.06
CA ILE A 136 -37.40 4.86 41.80
C ILE A 136 -38.25 5.02 43.06
N SER A 137 -38.60 3.89 43.72
CA SER A 137 -39.45 3.90 44.90
C SER A 137 -38.88 4.80 45.99
N LEU A 138 -37.55 4.79 46.11
CA LEU A 138 -36.86 5.43 47.22
C LEU A 138 -36.52 6.89 46.87
N THR A 139 -36.87 7.34 45.66
CA THR A 139 -36.46 8.65 45.18
C THR A 139 -37.39 9.74 45.73
N SER A 140 -36.78 10.85 46.21
CA SER A 140 -37.48 12.00 46.81
C SER A 140 -37.58 13.16 45.82
N SER A 141 -36.80 13.09 44.74
CA SER A 141 -36.73 14.17 43.77
C SER A 141 -37.81 13.98 42.70
N GLU A 142 -37.86 14.95 41.79
CA GLU A 142 -38.69 14.96 40.59
C GLU A 142 -38.09 14.05 39.52
N TRP A 143 -36.76 14.08 39.38
CA TRP A 143 -36.01 13.32 38.39
C TRP A 143 -35.10 12.29 39.05
N ILE A 144 -34.83 11.22 38.30
CA ILE A 144 -33.76 10.32 38.63
C ILE A 144 -32.77 10.31 37.47
N TYR A 145 -31.48 10.31 37.83
CA TYR A 145 -30.39 9.96 36.94
C TYR A 145 -29.62 8.78 37.51
N TYR A 146 -29.42 7.76 36.69
CA TYR A 146 -28.66 6.58 37.07
C TYR A 146 -27.26 6.64 36.48
N ILE A 147 -26.27 6.35 37.34
CA ILE A 147 -24.91 6.08 36.90
C ILE A 147 -24.45 4.79 37.57
N ASP A 148 -23.59 4.02 36.89
CA ASP A 148 -23.07 2.80 37.49
C ASP A 148 -21.72 3.10 38.15
N ALA A 149 -21.28 2.20 39.03
CA ALA A 149 -20.14 2.47 39.91
C ALA A 149 -18.84 2.47 39.11
N ASP A 150 -18.82 1.77 37.97
CA ASP A 150 -17.68 1.78 37.08
C ASP A 150 -17.79 2.88 36.03
N ASN A 151 -18.64 3.88 36.28
CA ASN A 151 -18.77 5.04 35.42
C ASN A 151 -18.23 6.25 36.18
N TYR A 152 -17.80 7.29 35.45
CA TYR A 152 -17.41 8.54 36.06
C TYR A 152 -17.59 9.70 35.07
N CYS A 153 -18.23 10.79 35.51
CA CYS A 153 -18.44 11.95 34.67
C CYS A 153 -17.12 12.67 34.39
N VAL A 154 -16.95 13.12 33.15
CA VAL A 154 -15.75 13.83 32.74
C VAL A 154 -15.76 15.21 33.38
N ASP A 155 -16.77 16.02 33.05
CA ASP A 155 -16.83 17.38 33.56
C ASP A 155 -18.30 17.75 33.80
N SER A 156 -18.70 17.70 35.08
CA SER A 156 -20.08 17.94 35.52
C SER A 156 -20.67 19.19 34.87
N THR A 157 -20.27 20.36 35.39
CA THR A 157 -20.65 21.67 34.85
C THR A 157 -22.12 22.00 35.16
N ASN A 158 -22.76 21.19 36.03
CA ASN A 158 -24.15 21.39 36.36
C ASN A 158 -25.05 21.06 35.17
N LYS A 159 -24.58 20.24 34.22
CA LYS A 159 -25.32 20.01 32.98
C LYS A 159 -26.61 19.22 33.23
N PHE A 160 -26.63 18.32 34.23
CA PHE A 160 -27.80 17.51 34.54
C PHE A 160 -28.99 18.37 34.95
N LYS A 161 -28.76 19.26 35.93
CA LYS A 161 -29.76 20.19 36.41
C LYS A 161 -30.25 21.06 35.26
N ARG A 162 -29.32 21.53 34.42
CA ARG A 162 -29.67 22.34 33.26
C ARG A 162 -30.54 21.54 32.28
N VAL A 163 -30.15 20.29 31.99
CA VAL A 163 -30.94 19.47 31.07
C VAL A 163 -32.35 19.28 31.65
N ALA A 164 -32.43 18.94 32.94
CA ALA A 164 -33.72 18.71 33.59
C ALA A 164 -34.59 19.97 33.54
N LYS A 165 -33.99 21.13 33.85
CA LYS A 165 -34.70 22.41 33.77
C LYS A 165 -35.27 22.61 32.37
N LEU A 166 -34.46 22.40 31.34
CA LEU A 166 -34.85 22.69 29.96
C LEU A 166 -35.95 21.76 29.47
N ILE A 167 -35.79 20.45 29.69
CA ILE A 167 -36.74 19.46 29.23
C ILE A 167 -38.10 19.70 29.88
N GLN A 168 -38.10 20.04 31.17
CA GLN A 168 -39.34 20.27 31.92
CA GLN A 168 -39.34 20.26 31.91
C GLN A 168 -40.01 21.56 31.45
N PHE A 169 -39.23 22.64 31.32
CA PHE A 169 -39.73 23.93 30.89
C PHE A 169 -40.38 23.85 29.51
N LEU A 170 -39.83 23.02 28.62
CA LEU A 170 -40.37 22.92 27.26
C LEU A 170 -41.34 21.76 27.14
N SER A 171 -41.62 21.06 28.26
CA SER A 171 -42.60 19.99 28.29
C SER A 171 -42.28 18.87 27.29
N ILE A 172 -41.00 18.50 27.16
CA ILE A 172 -40.60 17.48 26.22
C ILE A 172 -40.72 16.12 26.89
N ASP A 173 -41.40 15.20 26.19
CA ASP A 173 -41.72 13.87 26.68
C ASP A 173 -40.65 12.90 26.18
N CYS A 174 -39.75 12.44 27.08
CA CYS A 174 -38.58 11.70 26.67
C CYS A 174 -37.85 11.07 27.85
N ILE A 175 -36.88 10.20 27.51
CA ILE A 175 -35.82 9.78 28.38
C ILE A 175 -34.57 10.51 27.90
N ILE A 176 -33.65 10.76 28.85
CA ILE A 176 -32.39 11.43 28.57
C ILE A 176 -31.24 10.43 28.65
N SER A 177 -30.32 10.54 27.69
CA SER A 177 -29.09 9.78 27.63
C SER A 177 -27.91 10.74 27.61
N PRO A 178 -27.00 10.65 28.60
CA PRO A 178 -25.66 11.20 28.44
C PRO A 178 -24.94 10.34 27.42
N MET A 179 -23.82 10.85 26.90
CA MET A 179 -22.91 10.06 26.10
C MET A 179 -22.05 9.20 27.02
N ILE A 180 -21.88 7.91 26.68
CA ILE A 180 -21.05 7.02 27.50
C ILE A 180 -19.88 6.52 26.65
N LYS A 181 -18.66 6.78 27.12
CA LYS A 181 -17.44 6.51 26.38
C LYS A 181 -16.74 5.29 26.97
N GLU A 182 -16.55 4.23 26.17
CA GLU A 182 -15.88 3.02 26.62
C GLU A 182 -14.38 3.25 26.68
N HIS A 183 -13.68 2.31 27.35
CA HIS A 183 -12.23 2.40 27.53
C HIS A 183 -11.50 2.41 26.18
N ILE A 184 -12.04 1.72 25.17
CA ILE A 184 -11.47 1.71 23.82
C ILE A 184 -11.61 3.07 23.15
N GLY A 185 -12.61 3.87 23.54
CA GLY A 185 -12.79 5.22 23.00
C GLY A 185 -14.08 5.39 22.23
N HIS A 186 -14.90 4.33 22.22
CA HIS A 186 -16.15 4.29 21.47
C HIS A 186 -17.28 4.88 22.30
N VAL A 187 -18.15 5.71 21.67
CA VAL A 187 -19.17 6.48 22.37
C VAL A 187 -20.56 5.94 22.05
N TYR A 188 -21.35 5.65 23.09
CA TYR A 188 -22.73 5.18 22.95
C TYR A 188 -23.67 6.29 23.38
N THR A 189 -24.80 6.44 22.66
CA THR A 189 -25.66 7.59 22.78
C THR A 189 -27.09 7.24 23.18
N ASP A 190 -27.47 5.94 23.13
CA ASP A 190 -28.81 5.51 23.48
C ASP A 190 -28.72 4.64 24.73
N ASN A 191 -28.58 5.29 25.90
CA ASN A 191 -28.35 4.59 27.15
C ASN A 191 -29.60 4.64 28.06
N ARG A 192 -30.36 5.75 28.01
CA ARG A 192 -31.67 5.86 28.63
C ARG A 192 -31.57 5.84 30.15
N LYS A 193 -30.96 6.89 30.72
CA LYS A 193 -30.53 6.87 32.11
C LYS A 193 -31.21 7.93 32.97
N MET A 194 -31.96 8.88 32.39
CA MET A 194 -32.46 10.00 33.18
C MET A 194 -33.88 10.37 32.76
N PHE A 195 -34.80 10.42 33.74
CA PHE A 195 -36.18 10.76 33.41
C PHE A 195 -36.91 11.18 34.68
N SER A 196 -38.11 11.75 34.51
CA SER A 196 -38.98 12.07 35.63
C SER A 196 -39.61 10.81 36.20
N VAL A 197 -39.64 10.72 37.54
CA VAL A 197 -40.27 9.63 38.27
C VAL A 197 -41.74 9.95 38.54
N LYS A 198 -42.32 10.96 37.90
CA LYS A 198 -43.71 11.35 38.17
C LYS A 198 -44.71 10.76 37.17
N LYS A 199 -44.27 9.89 36.25
CA LYS A 199 -45.16 9.53 35.14
C LYS A 199 -45.39 8.02 35.03
N GLY A 200 -45.06 7.27 36.09
CA GLY A 200 -45.29 5.84 36.08
C GLY A 200 -44.31 5.06 35.19
N ILE A 201 -43.21 5.68 34.75
CA ILE A 201 -42.19 4.93 34.04
C ILE A 201 -41.63 3.82 34.93
N GLN A 202 -41.41 2.65 34.33
CA GLN A 202 -40.75 1.52 34.97
C GLN A 202 -39.80 0.82 34.00
N PHE A 203 -38.65 0.39 34.55
CA PHE A 203 -37.74 -0.48 33.83
C PHE A 203 -38.34 -1.85 33.61
N LYS A 204 -38.08 -2.43 32.44
CA LYS A 204 -38.37 -3.83 32.23
C LYS A 204 -37.15 -4.56 31.65
N GLY A 205 -37.07 -5.86 31.99
CA GLY A 205 -36.04 -6.77 31.53
C GLY A 205 -35.00 -7.01 32.63
N LYS A 206 -34.57 -8.27 32.77
CA LYS A 206 -33.66 -8.65 33.86
C LYS A 206 -32.23 -8.23 33.57
N VAL A 207 -31.94 -7.99 32.29
CA VAL A 207 -30.64 -7.52 31.85
C VAL A 207 -30.88 -6.76 30.54
N HIS A 208 -29.97 -5.84 30.19
CA HIS A 208 -30.17 -4.95 29.05
C HIS A 208 -31.50 -4.21 29.20
N GLU A 209 -31.81 -3.85 30.45
CA GLU A 209 -33.09 -3.30 30.84
C GLU A 209 -33.28 -1.90 30.27
N GLU A 210 -34.54 -1.48 30.16
CA GLU A 210 -34.82 -0.17 29.60
C GLU A 210 -36.10 0.38 30.22
N PRO A 211 -36.23 1.71 30.29
CA PRO A 211 -37.46 2.32 30.78
C PRO A 211 -38.63 2.23 29.78
N ILE A 212 -39.80 1.87 30.32
CA ILE A 212 -41.03 1.69 29.55
C ILE A 212 -42.08 2.62 30.17
N ASN A 213 -42.85 3.27 29.28
CA ASN A 213 -43.95 4.13 29.70
C ASN A 213 -45.01 3.31 30.42
N ALA A 214 -45.81 3.99 31.25
CA ALA A 214 -46.82 3.29 32.05
C ALA A 214 -47.86 2.58 31.17
N ASP A 215 -48.05 3.03 29.93
CA ASP A 215 -48.98 2.38 29.00
C ASP A 215 -48.28 1.36 28.11
N GLY A 216 -47.04 0.97 28.43
CA GLY A 216 -46.36 -0.06 27.66
C GLY A 216 -45.55 0.48 26.48
N SER A 217 -45.70 1.77 26.12
CA SER A 217 -45.04 2.28 24.93
C SER A 217 -43.58 2.60 25.21
N ILE A 218 -42.80 2.69 24.12
CA ILE A 218 -41.37 2.87 24.19
C ILE A 218 -41.10 4.35 24.08
N PRO A 219 -40.46 4.97 25.11
CA PRO A 219 -40.23 6.40 25.11
C PRO A 219 -39.20 6.78 24.07
N GLN A 220 -39.25 8.04 23.67
CA GLN A 220 -38.28 8.69 22.83
C GLN A 220 -37.00 8.95 23.64
N ASN A 221 -35.83 8.67 23.05
CA ASN A 221 -34.57 8.96 23.68
C ASN A 221 -33.98 10.25 23.11
N ILE A 222 -33.48 11.12 24.01
CA ILE A 222 -32.76 12.33 23.62
C ILE A 222 -31.37 12.29 24.26
N THR A 223 -30.34 12.44 23.41
CA THR A 223 -28.96 12.45 23.86
C THR A 223 -28.52 13.88 24.17
N VAL A 224 -27.73 14.04 25.23
CA VAL A 224 -27.31 15.34 25.69
C VAL A 224 -25.78 15.34 25.77
N ASP A 225 -25.22 16.56 25.76
CA ASP A 225 -23.78 16.73 25.68
C ASP A 225 -23.18 16.67 27.08
N ILE A 226 -23.25 15.48 27.67
CA ILE A 226 -22.63 15.15 28.93
C ILE A 226 -21.81 13.89 28.70
N MET A 227 -20.49 13.96 28.96
CA MET A 227 -19.63 12.81 28.75
C MET A 227 -19.44 12.06 30.08
N ILE A 228 -19.76 10.76 30.02
CA ILE A 228 -19.56 9.80 31.09
C ILE A 228 -18.56 8.73 30.60
N CYS A 229 -17.59 8.33 31.43
CA CYS A 229 -16.64 7.28 31.06
C CYS A 229 -17.02 5.95 31.71
N HIS A 230 -16.63 4.84 31.07
CA HIS A 230 -16.94 3.49 31.53
C HIS A 230 -15.74 2.58 31.28
N ASP A 231 -15.26 1.84 32.29
CA ASP A 231 -14.14 0.94 32.07
C ASP A 231 -14.55 -0.51 32.36
N GLY A 232 -15.86 -0.76 32.39
CA GLY A 232 -16.39 -2.06 32.77
C GLY A 232 -16.24 -3.15 31.70
N TYR A 233 -15.68 -2.80 30.54
CA TYR A 233 -15.31 -3.77 29.53
C TYR A 233 -13.80 -3.76 29.26
N ASP A 234 -13.03 -3.15 30.18
CA ASP A 234 -11.58 -3.17 30.09
C ASP A 234 -11.04 -4.50 30.60
N PRO A 235 -10.49 -5.39 29.74
CA PRO A 235 -10.02 -6.70 30.20
C PRO A 235 -8.82 -6.65 31.16
N GLU A 236 -8.12 -5.51 31.18
CA GLU A 236 -7.09 -5.27 32.18
C GLU A 236 -7.67 -5.35 33.59
N VAL A 237 -8.88 -4.79 33.77
CA VAL A 237 -9.44 -4.59 35.10
C VAL A 237 -10.52 -5.61 35.41
N ILE A 238 -11.34 -5.96 34.41
CA ILE A 238 -12.52 -6.78 34.60
C ILE A 238 -12.31 -8.17 33.98
N ASN A 239 -12.86 -9.20 34.64
CA ASN A 239 -13.01 -10.52 34.07
C ASN A 239 -14.24 -10.51 33.15
N LEU A 240 -13.98 -10.33 31.84
CA LEU A 240 -15.04 -10.16 30.86
C LEU A 240 -15.88 -11.42 30.71
N SER A 241 -15.24 -12.60 30.80
CA SER A 241 -15.93 -13.86 30.63
C SER A 241 -17.01 -14.03 31.71
N GLU A 242 -16.68 -13.64 32.95
CA GLU A 242 -17.60 -13.67 34.07
C GLU A 242 -18.83 -12.80 33.81
N LYS A 243 -18.61 -11.56 33.32
CA LYS A 243 -19.69 -10.65 32.96
C LYS A 243 -20.52 -11.23 31.82
N ASN A 244 -19.83 -11.84 30.86
CA ASN A 244 -20.50 -12.41 29.71
C ASN A 244 -21.40 -13.56 30.16
N ASP A 245 -20.90 -14.40 31.08
CA ASP A 245 -21.69 -15.51 31.60
C ASP A 245 -22.91 -15.01 32.35
N ARG A 246 -22.75 -13.94 33.12
CA ARG A 246 -23.86 -13.32 33.84
C ARG A 246 -24.96 -12.93 32.85
N ASN A 247 -24.57 -12.31 31.72
CA ASN A 247 -25.55 -11.74 30.81
C ASN A 247 -26.25 -12.84 30.01
N ILE A 248 -25.52 -13.88 29.57
CA ILE A 248 -26.11 -15.01 28.88
C ILE A 248 -27.19 -15.67 29.74
N LYS A 249 -26.90 -15.87 31.03
CA LYS A 249 -27.84 -16.48 31.95
C LYS A 249 -29.12 -15.66 32.04
N LEU A 250 -28.99 -14.36 32.31
CA LEU A 250 -30.14 -13.47 32.40
C LEU A 250 -30.84 -13.34 31.04
N THR A 251 -30.07 -13.31 29.95
CA THR A 251 -30.65 -13.22 28.62
C THR A 251 -31.49 -14.45 28.28
N ARG A 252 -31.00 -15.65 28.62
CA ARG A 252 -31.73 -16.89 28.40
C ARG A 252 -33.04 -16.89 29.20
N GLN A 253 -33.02 -16.38 30.43
CA GLN A 253 -34.24 -16.24 31.23
C GLN A 253 -35.28 -15.38 30.51
N MET A 254 -34.83 -14.27 29.87
CA MET A 254 -35.75 -13.38 29.17
C MET A 254 -36.31 -14.03 27.90
N MET A 255 -35.52 -14.87 27.22
CA MET A 255 -36.00 -15.58 26.04
C MET A 255 -37.13 -16.55 26.42
N GLU A 256 -37.06 -17.15 27.61
CA GLU A 256 -38.12 -18.04 28.08
C GLU A 256 -39.38 -17.22 28.41
N GLU A 257 -39.20 -16.08 29.08
CA GLU A 257 -40.33 -15.23 29.44
C GLU A 257 -41.00 -14.67 28.19
N GLU A 258 -40.19 -14.15 27.26
CA GLU A 258 -40.69 -13.43 26.09
C GLU A 258 -40.08 -14.05 24.83
N PRO A 259 -40.52 -15.26 24.43
CA PRO A 259 -40.04 -15.83 23.17
C PRO A 259 -40.69 -14.95 22.11
N SER A 260 -40.15 -14.91 20.92
CA SER A 260 -40.71 -14.03 19.90
C SER A 260 -40.43 -12.54 20.15
N ASN A 261 -39.84 -12.14 21.29
CA ASN A 261 -39.27 -10.80 21.38
C ASN A 261 -37.85 -10.85 20.80
N PRO A 262 -37.60 -10.19 19.64
CA PRO A 262 -36.30 -10.26 18.98
C PRO A 262 -35.16 -9.68 19.82
N LYS A 263 -35.48 -8.75 20.72
CA LYS A 263 -34.43 -8.13 21.52
C LYS A 263 -33.54 -9.20 22.12
N TRP A 264 -34.13 -10.24 22.74
CA TRP A 264 -33.32 -11.16 23.51
C TRP A 264 -32.54 -12.09 22.58
N LEU A 265 -33.09 -12.38 21.38
CA LEU A 265 -32.34 -13.18 20.44
C LEU A 265 -31.10 -12.40 20.02
N TYR A 266 -31.23 -11.09 19.82
CA TYR A 266 -30.08 -10.31 19.39
C TYR A 266 -28.99 -10.39 20.46
N PHE A 267 -29.40 -10.24 21.74
CA PHE A 267 -28.45 -10.13 22.82
C PHE A 267 -27.80 -11.48 23.09
N TYR A 268 -28.53 -12.57 22.86
CA TYR A 268 -28.01 -13.91 23.10
C TYR A 268 -26.95 -14.20 22.04
N ALA A 269 -27.26 -13.85 20.79
CA ALA A 269 -26.32 -13.99 19.70
C ALA A 269 -25.05 -13.20 20.00
N ARG A 270 -25.22 -11.95 20.45
CA ARG A 270 -24.11 -11.05 20.68
C ARG A 270 -23.19 -11.65 21.74
N GLU A 271 -23.80 -12.15 22.83
CA GLU A 271 -23.04 -12.71 23.94
C GLU A 271 -22.32 -13.99 23.51
N LEU A 272 -22.98 -14.85 22.73
CA LEU A 272 -22.35 -16.09 22.28
C LEU A 272 -21.19 -15.73 21.36
N HIS A 273 -21.36 -14.66 20.58
CA HIS A 273 -20.32 -14.18 19.69
C HIS A 273 -19.10 -13.73 20.50
N TYR A 274 -19.30 -12.87 21.52
CA TYR A 274 -18.21 -12.43 22.39
C TYR A 274 -17.41 -13.63 22.88
N ALA A 275 -18.08 -14.75 23.17
CA ALA A 275 -17.45 -15.96 23.69
C ALA A 275 -17.01 -16.92 22.56
N SER A 276 -16.95 -16.45 21.31
CA SER A 276 -16.42 -17.23 20.20
C SER A 276 -17.11 -18.59 20.05
N GLU A 277 -18.44 -18.60 20.18
CA GLU A 277 -19.24 -19.80 19.94
C GLU A 277 -19.49 -19.98 18.44
N ASP A 278 -20.04 -21.14 18.07
CA ASP A 278 -20.23 -21.53 16.68
C ASP A 278 -20.94 -20.38 15.97
N THR A 279 -20.34 -19.88 14.88
CA THR A 279 -20.89 -18.74 14.16
C THR A 279 -22.16 -19.14 13.41
N HIS A 280 -22.36 -20.44 13.12
CA HIS A 280 -23.56 -20.88 12.44
C HIS A 280 -24.79 -20.74 13.35
N ILE A 281 -24.60 -21.04 14.63
CA ILE A 281 -25.66 -20.87 15.62
C ILE A 281 -26.00 -19.39 15.74
N ILE A 282 -24.96 -18.54 15.78
CA ILE A 282 -25.13 -17.11 15.98
C ILE A 282 -25.91 -16.53 14.80
N GLU A 283 -25.54 -16.96 13.59
CA GLU A 283 -26.18 -16.58 12.35
C GLU A 283 -27.68 -16.90 12.40
N THR A 284 -28.01 -18.15 12.78
CA THR A 284 -29.38 -18.66 12.83
C THR A 284 -30.24 -17.89 13.84
N LEU A 285 -29.65 -17.57 15.00
CA LEU A 285 -30.28 -16.71 15.97
C LEU A 285 -30.58 -15.32 15.39
N LEU A 286 -29.61 -14.74 14.68
CA LEU A 286 -29.78 -13.38 14.17
C LEU A 286 -30.81 -13.31 13.05
N ILE A 287 -30.78 -14.30 12.15
CA ILE A 287 -31.78 -14.39 11.09
C ILE A 287 -33.17 -14.50 11.70
N LYS A 288 -33.34 -15.36 12.71
CA LYS A 288 -34.57 -15.49 13.46
C LYS A 288 -34.99 -14.13 14.05
N ALA A 289 -34.04 -13.44 14.70
CA ALA A 289 -34.34 -12.18 15.34
C ALA A 289 -34.87 -11.19 14.32
N ILE A 290 -34.17 -11.09 13.18
CA ILE A 290 -34.53 -10.13 12.13
C ILE A 290 -35.94 -10.44 11.62
N ASP A 291 -36.30 -11.72 11.54
CA ASP A 291 -37.60 -12.14 11.05
C ASP A 291 -38.68 -11.79 12.08
N LEU A 292 -38.34 -11.80 13.38
CA LEU A 292 -39.30 -11.49 14.42
C LEU A 292 -39.55 -9.98 14.48
N TYR A 293 -38.54 -9.19 14.03
CA TYR A 293 -38.66 -7.74 14.02
C TYR A 293 -39.81 -7.33 13.11
N LYS A 294 -40.07 -8.14 12.07
CA LYS A 294 -41.12 -7.87 11.09
C LYS A 294 -42.49 -7.81 11.76
N GLN A 295 -42.67 -8.57 12.84
CA GLN A 295 -43.95 -8.70 13.52
C GLN A 295 -44.15 -7.65 14.61
N SER A 296 -43.17 -6.77 14.81
CA SER A 296 -43.13 -5.96 16.03
C SER A 296 -42.95 -4.48 15.72
N THR A 297 -43.60 -3.61 16.50
CA THR A 297 -43.32 -2.19 16.44
C THR A 297 -42.01 -1.86 17.16
N TYR A 298 -41.59 -2.72 18.11
CA TYR A 298 -40.30 -2.55 18.78
C TYR A 298 -39.18 -2.81 17.75
N LYS A 299 -38.40 -1.77 17.44
CA LYS A 299 -37.37 -1.88 16.43
C LYS A 299 -35.96 -1.72 17.01
N ARG A 300 -35.85 -1.42 18.31
CA ARG A 300 -34.54 -1.20 18.89
C ARG A 300 -33.68 -2.46 18.77
N TYR A 301 -32.44 -2.24 18.32
CA TYR A 301 -31.37 -3.23 18.19
C TYR A 301 -31.46 -4.00 16.86
N GLN A 302 -32.44 -3.70 16.02
CA GLN A 302 -32.50 -4.35 14.70
C GLN A 302 -31.27 -3.94 13.85
N PRO A 303 -30.93 -2.65 13.70
CA PRO A 303 -29.74 -2.28 12.93
C PRO A 303 -28.50 -3.03 13.42
N GLU A 304 -28.34 -3.09 14.75
CA GLU A 304 -27.22 -3.77 15.38
C GLU A 304 -27.27 -5.28 15.11
N ALA A 305 -28.46 -5.87 15.13
CA ALA A 305 -28.61 -7.28 14.77
C ALA A 305 -28.16 -7.50 13.32
N ILE A 306 -28.58 -6.62 12.41
CA ILE A 306 -28.32 -6.83 11.00
C ILE A 306 -26.82 -6.66 10.75
N LEU A 307 -26.20 -5.69 11.41
CA LEU A 307 -24.78 -5.43 11.25
C LEU A 307 -23.92 -6.56 11.83
N LEU A 308 -24.37 -7.21 12.92
CA LEU A 308 -23.61 -8.31 13.50
C LEU A 308 -23.64 -9.49 12.52
N LEU A 309 -24.81 -9.74 11.94
CA LEU A 309 -24.95 -10.75 10.92
C LEU A 309 -24.04 -10.43 9.75
N CYS A 310 -24.03 -9.16 9.33
CA CYS A 310 -23.24 -8.73 8.19
C CYS A 310 -21.76 -8.99 8.43
N SER A 311 -21.32 -8.73 9.67
CA SER A 311 -19.94 -8.95 10.02
C SER A 311 -19.61 -10.42 9.79
N ILE A 312 -20.51 -11.31 10.21
CA ILE A 312 -20.27 -12.75 10.12
C ILE A 312 -20.27 -13.18 8.66
N LEU A 313 -21.28 -12.75 7.89
CA LEU A 313 -21.39 -13.13 6.49
C LEU A 313 -20.18 -12.62 5.69
N PHE A 314 -19.67 -11.43 6.03
CA PHE A 314 -18.53 -10.88 5.31
C PHE A 314 -17.30 -11.76 5.56
N GLN A 315 -17.11 -12.16 6.81
CA GLN A 315 -16.02 -13.02 7.23
C GLN A 315 -16.08 -14.37 6.52
N LYS A 316 -17.29 -14.92 6.33
CA LYS A 316 -17.48 -16.19 5.63
C LYS A 316 -17.50 -16.02 4.10
N ARG A 317 -17.45 -14.78 3.61
CA ARG A 317 -17.36 -14.44 2.19
C ARG A 317 -18.65 -14.79 1.46
N GLN A 318 -19.79 -14.78 2.17
CA GLN A 318 -21.10 -15.00 1.58
C GLN A 318 -21.64 -13.67 1.09
N ILE A 319 -21.10 -13.20 -0.03
CA ILE A 319 -21.26 -11.84 -0.51
C ILE A 319 -22.70 -11.63 -0.99
N ARG A 320 -23.32 -12.63 -1.61
CA ARG A 320 -24.69 -12.46 -2.09
C ARG A 320 -25.65 -12.26 -0.91
N LYS A 321 -25.49 -13.10 0.12
CA LYS A 321 -26.36 -13.03 1.29
C LYS A 321 -26.09 -11.72 2.04
N LEU A 322 -24.81 -11.35 2.18
CA LEU A 322 -24.39 -10.09 2.78
C LEU A 322 -25.12 -8.93 2.10
N ASN A 323 -25.17 -8.93 0.76
CA ASN A 323 -25.80 -7.84 0.02
C ASN A 323 -27.31 -7.78 0.26
N GLU A 324 -27.97 -8.92 0.45
CA GLU A 324 -29.38 -8.89 0.76
C GLU A 324 -29.62 -8.17 2.08
N TYR A 325 -28.78 -8.44 3.07
CA TYR A 325 -28.96 -7.84 4.38
C TYR A 325 -28.49 -6.39 4.38
N LEU A 326 -27.54 -6.03 3.51
CA LEU A 326 -27.19 -4.63 3.36
C LEU A 326 -28.34 -3.86 2.73
N ASP A 327 -29.03 -4.48 1.77
CA ASP A 327 -30.16 -3.85 1.09
C ASP A 327 -31.32 -3.66 2.06
N LEU A 328 -31.62 -4.67 2.89
CA LEU A 328 -32.59 -4.53 3.97
C LEU A 328 -32.21 -3.36 4.88
N LEU A 329 -30.95 -3.25 5.31
CA LEU A 329 -30.57 -2.19 6.24
C LEU A 329 -30.71 -0.81 5.61
N GLU A 330 -30.53 -0.73 4.29
CA GLU A 330 -30.61 0.53 3.57
C GLU A 330 -32.07 0.96 3.48
N GLU A 331 -32.95 0.00 3.22
CA GLU A 331 -34.38 0.24 3.17
C GLU A 331 -34.91 0.71 4.53
N LEU A 332 -34.33 0.19 5.63
CA LEU A 332 -34.78 0.47 6.99
C LEU A 332 -34.14 1.76 7.51
N GLN A 333 -32.86 1.95 7.21
CA GLN A 333 -32.09 3.08 7.70
C GLN A 333 -31.45 3.82 6.53
N PRO A 334 -32.25 4.45 5.62
CA PRO A 334 -31.73 5.08 4.41
C PRO A 334 -30.45 5.90 4.60
N LEU A 335 -30.28 6.45 5.80
CA LEU A 335 -29.21 7.40 6.07
C LEU A 335 -28.16 6.79 6.97
N CYS A 336 -28.12 5.46 7.04
CA CYS A 336 -27.10 4.77 7.82
C CYS A 336 -25.84 4.57 6.98
N SER A 337 -24.71 5.01 7.53
CA SER A 337 -23.42 5.07 6.86
C SER A 337 -22.82 3.67 6.70
N ASP A 338 -23.35 2.70 7.45
CA ASP A 338 -22.66 1.42 7.59
C ASP A 338 -22.91 0.55 6.36
N VAL A 339 -24.01 0.82 5.62
CA VAL A 339 -24.31 0.13 4.38
C VAL A 339 -23.16 0.35 3.39
N ASN A 340 -22.81 1.62 3.14
CA ASN A 340 -21.78 1.97 2.18
C ASN A 340 -20.42 1.52 2.69
N TYR A 341 -20.25 1.52 4.01
CA TYR A 341 -19.03 1.00 4.59
C TYR A 341 -18.83 -0.44 4.14
N TYR A 342 -19.87 -1.26 4.29
CA TYR A 342 -19.75 -2.68 3.95
C TYR A 342 -19.64 -2.85 2.44
N ARG A 343 -20.36 -2.04 1.66
CA ARG A 343 -20.28 -2.17 0.21
C ARG A 343 -18.87 -1.84 -0.25
N SER A 344 -18.21 -0.91 0.46
CA SER A 344 -16.84 -0.54 0.12
C SER A 344 -15.89 -1.66 0.49
N LEU A 345 -16.15 -2.34 1.63
CA LEU A 345 -15.31 -3.44 2.05
C LEU A 345 -15.31 -4.56 1.02
N ILE A 346 -16.48 -4.85 0.48
CA ILE A 346 -16.63 -5.90 -0.52
C ILE A 346 -15.75 -5.58 -1.74
N LEU A 347 -15.88 -4.36 -2.27
CA LEU A 347 -15.14 -3.94 -3.45
C LEU A 347 -13.64 -3.90 -3.16
N PHE A 348 -13.24 -3.44 -1.97
CA PHE A 348 -11.82 -3.39 -1.65
C PHE A 348 -11.22 -4.80 -1.59
N TYR A 349 -11.94 -5.75 -0.98
CA TYR A 349 -11.50 -7.13 -0.91
C TYR A 349 -11.30 -7.74 -2.31
N ASP A 350 -12.27 -7.54 -3.20
CA ASP A 350 -12.17 -8.05 -4.56
C ASP A 350 -10.98 -7.42 -5.27
N ILE A 351 -10.74 -6.12 -5.05
CA ILE A 351 -9.63 -5.44 -5.71
C ILE A 351 -8.31 -6.07 -5.27
N ARG A 352 -8.16 -6.34 -3.97
CA ARG A 352 -6.92 -6.90 -3.47
C ARG A 352 -6.69 -8.31 -4.03
N LEU A 353 -7.78 -9.07 -4.21
CA LEU A 353 -7.72 -10.39 -4.82
C LEU A 353 -7.18 -10.28 -6.25
N LYS A 354 -7.77 -9.37 -7.03
CA LYS A 354 -7.30 -9.07 -8.37
C LYS A 354 -5.81 -8.74 -8.36
N THR A 355 -5.37 -7.87 -7.45
CA THR A 355 -3.98 -7.45 -7.41
C THR A 355 -3.09 -8.67 -7.10
N GLY A 356 -3.55 -9.53 -6.20
CA GLY A 356 -2.79 -10.70 -5.77
C GLY A 356 -2.59 -11.69 -6.91
N LYS A 357 -3.66 -11.92 -7.68
CA LYS A 357 -3.61 -12.80 -8.83
C LYS A 357 -2.73 -12.19 -9.93
N LEU A 358 -2.74 -10.85 -10.07
CA LEU A 358 -1.89 -10.20 -11.06
C LEU A 358 -0.43 -10.47 -10.72
N LEU A 359 -0.08 -10.18 -9.48
CA LEU A 359 1.27 -10.40 -8.97
C LEU A 359 1.70 -11.83 -9.26
N ASP A 360 0.86 -12.81 -8.91
CA ASP A 360 1.21 -14.22 -8.98
C ASP A 360 1.43 -14.61 -10.45
N THR A 361 0.56 -14.13 -11.35
CA THR A 361 0.67 -14.43 -12.77
C THR A 361 1.98 -13.89 -13.35
N LEU A 362 2.32 -12.63 -13.04
CA LEU A 362 3.51 -12.01 -13.62
C LEU A 362 4.75 -12.76 -13.15
N LYS A 363 4.83 -12.99 -11.84
CA LYS A 363 6.02 -13.55 -11.22
C LYS A 363 6.26 -14.96 -11.76
N SER A 364 5.19 -15.72 -11.96
CA SER A 364 5.34 -17.11 -12.36
C SER A 364 5.63 -17.20 -13.86
N SER A 365 5.27 -16.19 -14.65
CA SER A 365 5.47 -16.31 -16.08
C SER A 365 6.80 -15.70 -16.54
N GLU A 366 7.43 -14.83 -15.74
CA GLU A 366 8.51 -13.99 -16.28
C GLU A 366 9.82 -14.09 -15.52
N LEU A 367 9.82 -14.59 -14.28
CA LEU A 367 11.06 -14.66 -13.51
C LEU A 367 11.70 -16.04 -13.62
N GLU A 368 13.02 -16.04 -13.87
CA GLU A 368 13.87 -17.22 -13.81
C GLU A 368 13.33 -18.32 -14.71
N ASN A 369 13.39 -18.13 -16.05
CA ASN A 369 12.81 -19.11 -16.95
C ASN A 369 13.05 -18.82 -18.43
N ASN A 370 14.26 -18.38 -18.79
CA ASN A 370 14.67 -18.33 -20.19
C ASN A 370 13.80 -17.39 -21.03
N LYS A 371 13.02 -16.51 -20.41
CA LYS A 371 12.45 -15.38 -21.12
C LYS A 371 13.40 -14.21 -20.93
N TYR A 372 13.54 -13.36 -21.96
CA TYR A 372 14.55 -12.32 -21.94
C TYR A 372 13.90 -10.94 -22.07
N SER A 373 14.64 -9.93 -21.63
CA SER A 373 14.21 -8.55 -21.69
C SER A 373 15.21 -7.71 -22.49
N PHE A 374 14.67 -6.74 -23.24
CA PHE A 374 15.46 -5.70 -23.87
C PHE A 374 15.45 -4.42 -23.04
N ILE A 375 14.76 -4.42 -21.90
CA ILE A 375 14.72 -3.25 -21.03
C ILE A 375 15.82 -3.41 -19.98
N ASP A 376 15.79 -4.55 -19.29
CA ASP A 376 16.77 -4.83 -18.25
C ASP A 376 16.93 -6.35 -18.14
N SER A 377 18.13 -6.85 -18.46
CA SER A 377 18.39 -8.28 -18.55
C SER A 377 18.21 -8.97 -17.20
N SER A 378 18.51 -8.27 -16.09
CA SER A 378 18.31 -8.77 -14.74
C SER A 378 16.83 -8.87 -14.34
N LYS A 379 15.94 -8.22 -15.11
CA LYS A 379 14.51 -8.21 -14.85
C LYS A 379 14.15 -7.39 -13.61
N ASP A 380 14.95 -6.37 -13.27
CA ASP A 380 14.64 -5.53 -12.12
C ASP A 380 13.42 -4.64 -12.36
N HIS A 381 13.12 -4.27 -13.62
CA HIS A 381 11.90 -3.51 -13.87
C HIS A 381 10.66 -4.32 -13.51
N ILE A 382 10.70 -5.65 -13.75
CA ILE A 382 9.60 -6.55 -13.43
C ILE A 382 9.54 -6.75 -11.91
N LYS A 383 10.70 -6.94 -11.27
CA LYS A 383 10.77 -7.04 -9.82
C LYS A 383 10.26 -5.76 -9.16
N ALA A 384 10.62 -4.60 -9.71
CA ALA A 384 10.15 -3.33 -9.19
C ALA A 384 8.62 -3.24 -9.26
N LEU A 385 8.01 -3.73 -10.35
CA LEU A 385 6.56 -3.71 -10.45
C LEU A 385 5.94 -4.65 -9.41
N LEU A 386 6.53 -5.83 -9.21
CA LEU A 386 6.03 -6.78 -8.22
C LEU A 386 6.10 -6.17 -6.82
N ILE A 387 7.18 -5.44 -6.51
CA ILE A 387 7.30 -4.77 -5.24
C ILE A 387 6.16 -3.78 -5.05
N GLU A 388 5.80 -3.06 -6.12
CA GLU A 388 4.68 -2.13 -6.07
C GLU A 388 3.39 -2.89 -5.72
N LEU A 389 3.20 -4.03 -6.37
CA LEU A 389 2.00 -4.84 -6.15
C LEU A 389 1.97 -5.35 -4.71
N TYR A 390 3.11 -5.81 -4.18
CA TYR A 390 3.20 -6.24 -2.80
C TYR A 390 2.72 -5.16 -1.83
N CYS A 391 3.25 -3.94 -1.98
CA CYS A 391 2.88 -2.81 -1.12
C CYS A 391 1.39 -2.50 -1.24
N SER A 392 0.85 -2.53 -2.46
CA SER A 392 -0.55 -2.20 -2.68
C SER A 392 -1.46 -3.09 -1.83
N ILE A 393 -1.09 -4.38 -1.68
CA ILE A 393 -1.90 -5.33 -0.96
C ILE A 393 -1.36 -5.53 0.45
N ASP A 394 -0.51 -4.61 0.92
CA ASP A 394 -0.05 -4.56 2.30
C ASP A 394 0.73 -5.84 2.66
N ASP A 395 1.60 -6.30 1.76
CA ASP A 395 2.50 -7.43 2.03
C ASP A 395 3.95 -6.94 1.93
N TRP A 396 4.38 -6.19 2.95
CA TRP A 396 5.64 -5.47 2.91
C TRP A 396 6.84 -6.39 2.98
N GLU A 397 6.69 -7.53 3.66
CA GLU A 397 7.77 -8.48 3.82
C GLU A 397 8.17 -9.03 2.45
N GLY A 398 7.16 -9.32 1.60
CA GLY A 398 7.41 -9.71 0.22
C GLY A 398 8.13 -8.60 -0.56
N ALA A 399 7.73 -7.35 -0.30
CA ALA A 399 8.34 -6.21 -0.96
C ALA A 399 9.81 -6.08 -0.53
N PHE A 400 10.06 -6.16 0.78
CA PHE A 400 11.43 -6.07 1.29
C PHE A 400 12.32 -7.13 0.64
N THR A 401 11.78 -8.35 0.49
CA THR A 401 12.55 -9.48 -0.03
C THR A 401 13.05 -9.20 -1.45
N LEU A 402 12.12 -8.85 -2.36
CA LEU A 402 12.48 -8.56 -3.74
C LEU A 402 13.39 -7.35 -3.80
N PHE A 403 13.09 -6.33 -2.99
CA PHE A 403 13.86 -5.10 -3.01
C PHE A 403 15.36 -5.40 -2.96
N ASP A 404 15.73 -6.40 -2.14
CA ASP A 404 17.12 -6.75 -1.93
C ASP A 404 17.75 -7.35 -3.18
N GLU A 405 16.94 -7.95 -4.06
CA GLU A 405 17.48 -8.57 -5.27
C GLU A 405 17.87 -7.53 -6.31
N LEU A 406 17.39 -6.28 -6.16
CA LEU A 406 17.58 -5.26 -7.18
C LEU A 406 19.05 -4.84 -7.25
N GLN A 407 19.55 -4.62 -8.47
CA GLN A 407 20.92 -4.20 -8.68
C GLN A 407 20.97 -2.75 -9.18
N SER A 408 19.87 -2.26 -9.78
CA SER A 408 19.84 -0.92 -10.34
C SER A 408 19.25 0.07 -9.33
N THR A 409 19.89 1.23 -9.17
CA THR A 409 19.41 2.26 -8.25
C THR A 409 18.21 2.98 -8.85
N GLU A 410 18.11 3.02 -10.20
CA GLU A 410 16.92 3.51 -10.88
C GLU A 410 15.73 2.60 -10.52
N ALA A 411 15.98 1.28 -10.43
CA ALA A 411 14.97 0.32 -10.04
C ALA A 411 14.60 0.47 -8.56
N ARG A 412 15.59 0.85 -7.72
CA ARG A 412 15.40 0.94 -6.27
C ARG A 412 14.63 2.19 -5.89
N ASN A 413 14.67 3.20 -6.76
CA ASN A 413 14.38 4.59 -6.41
C ASN A 413 12.98 4.75 -5.80
N LYS A 414 11.95 4.24 -6.49
CA LYS A 414 10.57 4.50 -6.10
C LYS A 414 10.28 3.97 -4.69
N PHE A 415 10.75 2.75 -4.39
CA PHE A 415 10.51 2.13 -3.08
C PHE A 415 11.29 2.86 -1.99
N LEU A 416 12.52 3.28 -2.31
CA LEU A 416 13.39 3.99 -1.38
C LEU A 416 12.75 5.30 -0.95
N ARG A 417 12.14 6.02 -1.91
CA ARG A 417 11.56 7.33 -1.65
C ARG A 417 10.28 7.17 -0.81
N ARG A 418 9.46 6.16 -1.15
CA ARG A 418 8.31 5.83 -0.34
C ARG A 418 8.73 5.67 1.12
N VAL A 419 9.78 4.88 1.34
CA VAL A 419 10.22 4.50 2.68
C VAL A 419 10.86 5.72 3.34
N LYS A 420 11.64 6.48 2.57
CA LYS A 420 12.27 7.71 3.03
C LYS A 420 11.21 8.72 3.48
N THR A 421 10.16 8.89 2.68
CA THR A 421 9.13 9.88 2.95
C THR A 421 8.29 9.42 4.15
N ILE A 422 7.99 8.12 4.19
CA ILE A 422 7.36 7.51 5.35
C ILE A 422 8.20 7.84 6.60
N ASN A 423 9.52 7.63 6.52
CA ASN A 423 10.43 7.79 7.65
C ASN A 423 10.37 9.21 8.23
N THR A 424 10.30 10.24 7.36
CA THR A 424 10.35 11.62 7.80
C THR A 424 9.06 12.01 8.52
N HIS A 425 7.96 11.30 8.26
CA HIS A 425 6.69 11.54 8.92
C HIS A 425 6.66 10.96 10.34
N ILE A 426 7.82 10.70 10.95
CA ILE A 426 7.89 10.16 12.30
C ILE A 426 8.87 11.02 13.13
N ALA B 5 31.50 -36.76 -37.83
CA ALA B 5 31.76 -35.32 -37.51
C ALA B 5 30.43 -34.64 -37.16
N SER B 6 29.82 -35.16 -36.09
CA SER B 6 28.52 -34.70 -35.60
C SER B 6 28.65 -33.30 -35.03
N MET B 7 27.51 -32.62 -34.84
CA MET B 7 27.51 -31.31 -34.19
C MET B 7 26.51 -31.32 -33.02
N GLU B 8 26.90 -30.68 -31.91
CA GLU B 8 26.03 -30.50 -30.78
C GLU B 8 26.25 -29.09 -30.26
N THR B 9 25.62 -28.74 -29.13
CA THR B 9 25.72 -27.40 -28.56
C THR B 9 26.89 -27.37 -27.59
N LEU B 10 27.32 -26.15 -27.22
CA LEU B 10 28.30 -25.99 -26.17
C LEU B 10 27.79 -26.57 -24.87
N ASN B 11 26.48 -26.45 -24.63
CA ASN B 11 25.88 -26.88 -23.38
C ASN B 11 25.99 -28.40 -23.25
N ASP B 12 25.73 -29.12 -24.35
CA ASP B 12 25.90 -30.57 -24.44
C ASP B 12 27.31 -30.96 -24.02
N LEU B 13 28.31 -30.23 -24.52
CA LEU B 13 29.70 -30.50 -24.16
C LEU B 13 29.91 -30.22 -22.68
N VAL B 14 29.30 -29.13 -22.17
CA VAL B 14 29.42 -28.77 -20.77
C VAL B 14 28.94 -29.94 -19.90
N THR B 15 27.80 -30.52 -20.26
CA THR B 15 27.20 -31.56 -19.45
C THR B 15 28.20 -32.70 -19.27
N ARG B 16 28.66 -33.24 -20.41
CA ARG B 16 29.67 -34.29 -20.45
C ARG B 16 30.80 -34.03 -19.47
N LEU B 17 31.38 -32.82 -19.52
CA LEU B 17 32.57 -32.50 -18.76
C LEU B 17 32.23 -32.33 -17.27
N GLU B 18 30.98 -31.95 -16.98
CA GLU B 18 30.55 -31.78 -15.59
C GLU B 18 30.43 -33.14 -14.91
N HIS B 19 30.25 -34.21 -15.71
CA HIS B 19 30.44 -35.57 -15.24
C HIS B 19 31.92 -35.96 -15.27
N SER B 20 32.56 -35.82 -16.45
CA SER B 20 33.83 -36.49 -16.74
C SER B 20 35.02 -35.74 -16.15
N HIS B 21 35.05 -34.39 -16.28
CA HIS B 21 36.22 -33.59 -15.92
C HIS B 21 35.79 -32.26 -15.31
N PRO B 22 35.32 -32.24 -14.05
CA PRO B 22 34.80 -31.01 -13.45
C PRO B 22 35.87 -29.95 -13.19
N ASN B 23 37.14 -30.32 -13.38
CA ASN B 23 38.23 -29.39 -13.14
C ASN B 23 39.05 -29.17 -14.42
N SER B 24 38.50 -29.59 -15.56
CA SER B 24 39.17 -29.34 -16.84
C SER B 24 39.14 -27.85 -17.15
N SER B 25 40.24 -27.36 -17.73
CA SER B 25 40.31 -26.02 -18.29
C SER B 25 39.21 -25.83 -19.32
N LEU B 26 38.89 -26.90 -20.06
CA LEU B 26 37.88 -26.79 -21.10
C LEU B 26 36.54 -26.43 -20.46
N LEU B 27 36.14 -27.12 -19.40
CA LEU B 27 34.85 -26.83 -18.78
C LEU B 27 34.84 -25.43 -18.16
N LYS B 28 35.96 -25.05 -17.54
CA LYS B 28 36.10 -23.75 -16.88
C LYS B 28 35.97 -22.62 -17.91
N ASP B 29 36.50 -22.84 -19.11
CA ASP B 29 36.44 -21.85 -20.16
C ASP B 29 35.02 -21.83 -20.73
N LEU B 30 34.43 -22.99 -20.99
CA LEU B 30 33.07 -23.08 -21.52
C LEU B 30 32.08 -22.31 -20.64
N SER B 31 32.27 -22.36 -19.31
CA SER B 31 31.29 -21.79 -18.39
C SER B 31 31.44 -20.27 -18.30
N LEU B 32 32.41 -19.69 -19.02
CA LEU B 32 32.45 -18.24 -19.22
C LEU B 32 31.41 -17.78 -20.25
N ILE B 33 30.97 -18.69 -21.14
CA ILE B 33 30.04 -18.33 -22.22
C ILE B 33 28.64 -18.35 -21.63
N GLN B 34 27.90 -17.25 -21.76
CA GLN B 34 26.52 -17.23 -21.29
C GLN B 34 25.59 -17.69 -22.42
N GLY B 35 24.51 -18.39 -22.06
CA GLY B 35 23.56 -18.89 -23.04
C GLY B 35 24.13 -20.04 -23.87
N ASN B 36 24.88 -20.93 -23.20
CA ASN B 36 25.73 -21.97 -23.80
C ASN B 36 24.96 -22.83 -24.79
N GLU B 37 23.65 -23.02 -24.54
CA GLU B 37 22.82 -23.95 -25.29
C GLU B 37 22.57 -23.43 -26.71
N GLN B 38 22.61 -22.10 -26.89
CA GLN B 38 22.74 -21.52 -28.22
C GLN B 38 24.14 -21.90 -28.71
N TYR B 39 24.44 -21.72 -30.00
CA TYR B 39 25.80 -21.91 -30.51
C TYR B 39 26.15 -23.39 -30.60
N ASN B 40 26.70 -23.79 -31.75
CA ASN B 40 27.02 -25.18 -32.01
C ASN B 40 28.51 -25.30 -32.29
N TYR B 41 29.02 -26.54 -32.15
CA TYR B 41 30.38 -26.88 -32.55
C TYR B 41 30.38 -28.30 -33.13
N ILE B 42 31.49 -28.65 -33.80
CA ILE B 42 31.63 -29.91 -34.50
C ILE B 42 32.59 -30.81 -33.73
N LYS B 43 32.10 -32.00 -33.35
CA LYS B 43 32.97 -32.99 -32.71
C LYS B 43 33.53 -33.91 -33.78
N TRP B 44 34.65 -34.56 -33.46
CA TRP B 44 35.39 -35.39 -34.41
C TRP B 44 35.40 -36.85 -33.95
N GLY B 45 34.32 -37.27 -33.28
CA GLY B 45 34.21 -38.65 -32.80
C GLY B 45 33.17 -38.79 -31.70
N ASP B 46 33.05 -40.03 -31.20
CA ASP B 46 32.09 -40.33 -30.14
C ASP B 46 32.68 -39.89 -28.81
N LEU B 47 32.14 -38.79 -28.25
CA LEU B 47 32.68 -38.22 -27.02
C LEU B 47 32.12 -38.93 -25.78
N SER B 48 31.14 -39.84 -25.95
CA SER B 48 30.69 -40.68 -24.86
C SER B 48 31.70 -41.81 -24.61
N ASN B 49 32.59 -42.06 -25.58
CA ASN B 49 33.77 -42.88 -25.38
C ASN B 49 34.78 -42.07 -24.55
N SER B 50 35.12 -42.59 -23.36
CA SER B 50 35.83 -41.78 -22.36
C SER B 50 37.25 -41.43 -22.81
N GLN B 51 37.83 -42.24 -23.72
CA GLN B 51 39.15 -41.97 -24.27
C GLN B 51 39.11 -40.73 -25.16
N ASN B 52 38.13 -40.65 -26.06
CA ASN B 52 38.03 -39.54 -26.99
C ASN B 52 37.83 -38.24 -26.22
N LEU B 53 37.01 -38.30 -25.15
CA LEU B 53 36.70 -37.12 -24.36
C LEU B 53 37.94 -36.67 -23.60
N ASN B 54 38.73 -37.63 -23.13
CA ASN B 54 39.98 -37.34 -22.46
C ASN B 54 40.95 -36.65 -23.44
N GLU B 55 40.94 -37.09 -24.71
CA GLU B 55 41.86 -36.55 -25.71
C GLU B 55 41.44 -35.12 -26.08
N LEU B 56 40.12 -34.87 -26.19
CA LEU B 56 39.62 -33.52 -26.42
C LEU B 56 40.06 -32.62 -25.27
N VAL B 57 39.80 -33.08 -24.04
CA VAL B 57 40.08 -32.32 -22.84
C VAL B 57 41.59 -32.05 -22.78
N PHE B 58 42.40 -33.07 -23.12
CA PHE B 58 43.84 -32.93 -23.07
C PHE B 58 44.35 -32.04 -24.20
N GLN B 59 43.73 -32.15 -25.38
CA GLN B 59 44.11 -31.29 -26.50
C GLN B 59 43.77 -29.83 -26.22
N TYR B 60 42.67 -29.53 -25.51
CA TYR B 60 42.39 -28.15 -25.12
C TYR B 60 43.45 -27.70 -24.12
N GLU B 61 43.75 -28.58 -23.15
CA GLU B 61 44.76 -28.31 -22.14
C GLU B 61 46.01 -27.69 -22.74
N LYS B 62 46.53 -28.26 -23.83
CA LYS B 62 47.82 -27.85 -24.34
C LYS B 62 47.70 -26.95 -25.57
N ALA B 63 46.48 -26.56 -25.94
CA ALA B 63 46.32 -25.65 -27.07
C ALA B 63 46.88 -24.28 -26.68
N PRO B 64 47.45 -23.52 -27.63
CA PRO B 64 47.93 -22.17 -27.34
C PRO B 64 46.81 -21.16 -27.07
N TYR B 65 47.14 -20.13 -26.27
CA TYR B 65 46.31 -18.94 -26.14
C TYR B 65 46.54 -18.04 -27.33
N PRO B 66 45.47 -17.60 -28.03
CA PRO B 66 45.64 -16.60 -29.08
C PRO B 66 46.24 -15.35 -28.45
N SER B 67 46.96 -14.55 -29.24
CA SER B 67 47.39 -13.24 -28.79
C SER B 67 46.18 -12.30 -28.86
N ILE B 68 46.12 -11.32 -27.95
CA ILE B 68 45.02 -10.37 -27.89
C ILE B 68 45.59 -8.99 -27.65
N THR B 69 45.21 -8.06 -28.53
CA THR B 69 45.49 -6.64 -28.34
C THR B 69 44.28 -5.98 -27.67
N CYS B 70 44.55 -5.15 -26.65
CA CYS B 70 43.56 -4.24 -26.09
C CYS B 70 43.69 -2.86 -26.72
N GLY B 71 42.62 -2.39 -27.38
CA GLY B 71 42.59 -1.09 -28.02
C GLY B 71 41.72 -0.10 -27.24
N ILE B 72 42.23 1.12 -27.08
CA ILE B 72 41.59 2.15 -26.25
C ILE B 72 41.65 3.47 -27.00
N LEU B 73 40.47 4.03 -27.32
CA LEU B 73 40.41 5.40 -27.81
C LEU B 73 40.52 6.34 -26.60
N THR B 74 41.21 7.48 -26.76
CA THR B 74 41.25 8.48 -25.70
C THR B 74 41.06 9.89 -26.29
N TYR B 75 40.29 10.69 -25.52
CA TYR B 75 40.31 12.14 -25.64
C TYR B 75 40.03 12.73 -24.27
N ASN B 76 41.09 13.22 -23.61
CA ASN B 76 40.98 14.03 -22.40
C ASN B 76 40.41 13.20 -21.26
N GLU B 77 41.17 12.19 -20.84
CA GLU B 77 40.68 11.18 -19.93
C GLU B 77 41.57 11.06 -18.69
N GLU B 78 42.17 12.17 -18.26
CA GLU B 78 43.16 12.13 -17.18
C GLU B 78 42.47 11.70 -15.89
N ARG B 79 41.17 12.00 -15.80
CA ARG B 79 40.33 11.55 -14.70
C ARG B 79 40.40 10.05 -14.51
N CYS B 80 40.41 9.26 -15.58
CA CYS B 80 40.09 7.84 -15.44
C CYS B 80 41.08 6.91 -16.14
N ILE B 81 42.05 7.45 -16.89
CA ILE B 81 42.88 6.63 -17.76
C ILE B 81 43.69 5.62 -16.95
N LYS B 82 44.19 6.05 -15.78
CA LYS B 82 45.01 5.16 -14.97
C LYS B 82 44.15 4.06 -14.37
N ARG B 83 42.95 4.43 -13.90
CA ARG B 83 41.97 3.47 -13.44
C ARG B 83 41.74 2.42 -14.53
N CYS B 84 41.59 2.86 -15.79
CA CYS B 84 41.37 1.95 -16.90
C CYS B 84 42.56 0.99 -17.01
N LEU B 85 43.76 1.53 -17.25
CA LEU B 85 44.93 0.73 -17.54
C LEU B 85 45.25 -0.22 -16.39
N ASP B 86 45.16 0.24 -15.13
CA ASP B 86 45.47 -0.59 -13.98
C ASP B 86 44.55 -1.81 -13.94
N SER B 87 43.31 -1.64 -14.38
CA SER B 87 42.31 -2.70 -14.29
C SER B 87 42.59 -3.83 -15.28
N LEU B 88 43.41 -3.57 -16.31
CA LEU B 88 43.64 -4.56 -17.37
C LEU B 88 44.58 -5.67 -16.93
N GLY B 89 45.52 -5.37 -16.00
CA GLY B 89 46.51 -6.35 -15.57
C GLY B 89 47.58 -6.58 -16.63
N SER B 90 48.00 -7.83 -16.79
CA SER B 90 49.06 -8.20 -17.72
C SER B 90 48.60 -9.26 -18.72
N GLN B 91 47.28 -9.45 -18.85
CA GLN B 91 46.70 -10.44 -19.75
C GLN B 91 47.20 -10.20 -21.18
N PHE B 92 47.08 -8.94 -21.65
CA PHE B 92 47.10 -8.62 -23.06
C PHE B 92 48.54 -8.59 -23.59
N ASP B 93 48.71 -9.01 -24.83
CA ASP B 93 50.02 -9.07 -25.45
C ASP B 93 50.45 -7.67 -25.89
N GLU B 94 49.47 -6.77 -26.08
CA GLU B 94 49.75 -5.44 -26.59
C GLU B 94 48.61 -4.54 -26.12
N ILE B 95 48.92 -3.25 -25.90
CA ILE B 95 47.93 -2.26 -25.49
C ILE B 95 48.15 -1.02 -26.35
N LEU B 96 47.23 -0.79 -27.31
CA LEU B 96 47.27 0.40 -28.14
C LEU B 96 46.26 1.41 -27.60
N VAL B 97 46.73 2.64 -27.40
CA VAL B 97 45.90 3.80 -27.13
C VAL B 97 46.00 4.69 -28.36
N LEU B 98 44.86 4.91 -29.03
CA LEU B 98 44.73 5.86 -30.11
C LEU B 98 44.15 7.13 -29.49
N ASP B 99 44.98 8.17 -29.41
CA ASP B 99 44.63 9.40 -28.71
C ASP B 99 44.32 10.46 -29.77
N SER B 100 43.25 11.24 -29.53
CA SER B 100 42.80 12.27 -30.44
C SER B 100 43.40 13.61 -30.05
N HIS B 101 44.67 13.61 -29.61
CA HIS B 101 45.37 14.82 -29.22
C HIS B 101 44.67 15.45 -28.02
N SER B 102 44.75 14.78 -26.87
CA SER B 102 44.29 15.31 -25.60
C SER B 102 45.16 16.48 -25.12
N THR B 103 44.53 17.48 -24.50
CA THR B 103 45.22 18.63 -23.96
C THR B 103 45.24 18.58 -22.43
N ASP B 104 44.86 17.43 -21.84
CA ASP B 104 45.04 17.21 -20.42
C ASP B 104 46.28 16.34 -20.24
N ASN B 105 46.41 15.68 -19.08
CA ASN B 105 47.58 14.86 -18.77
C ASN B 105 47.44 13.41 -19.24
N THR B 106 46.51 13.12 -20.16
CA THR B 106 46.20 11.75 -20.53
C THR B 106 47.46 10.99 -20.91
N THR B 107 48.15 11.50 -21.94
CA THR B 107 49.31 10.81 -22.51
C THR B 107 50.51 10.88 -21.57
N LYS B 108 50.60 11.95 -20.75
CA LYS B 108 51.68 12.05 -19.79
C LYS B 108 51.56 10.93 -18.77
N ILE B 109 50.33 10.69 -18.29
CA ILE B 109 50.08 9.64 -17.29
C ILE B 109 50.41 8.28 -17.91
N ILE B 110 50.21 8.14 -19.23
CA ILE B 110 50.43 6.87 -19.90
C ILE B 110 51.94 6.63 -20.01
N ASN B 111 52.65 7.60 -20.62
CA ASN B 111 54.09 7.53 -20.80
C ASN B 111 54.79 7.31 -19.46
N ARG B 112 54.36 8.02 -18.42
CA ARG B 112 55.04 8.00 -17.14
C ARG B 112 54.80 6.66 -16.42
N ASP B 113 53.54 6.25 -16.30
CA ASP B 113 53.20 5.13 -15.42
C ASP B 113 52.96 3.84 -16.20
N PHE B 114 52.91 3.91 -17.53
CA PHE B 114 52.60 2.74 -18.33
C PHE B 114 53.48 2.68 -19.57
N PRO B 115 54.81 2.45 -19.40
CA PRO B 115 55.75 2.49 -20.53
C PRO B 115 55.53 1.41 -21.59
N MET B 116 54.84 0.32 -21.21
CA MET B 116 54.55 -0.79 -22.10
C MET B 116 53.47 -0.42 -23.11
N VAL B 117 52.59 0.52 -22.76
CA VAL B 117 51.51 0.93 -23.65
C VAL B 117 52.07 1.77 -24.79
N LYS B 118 51.66 1.46 -26.02
CA LYS B 118 52.00 2.26 -27.20
C LYS B 118 50.91 3.29 -27.42
N VAL B 119 51.30 4.54 -27.69
CA VAL B 119 50.36 5.62 -27.90
C VAL B 119 50.50 6.10 -29.34
N ILE B 120 49.40 6.01 -30.10
CA ILE B 120 49.30 6.48 -31.47
C ILE B 120 48.39 7.70 -31.48
N TYR B 121 48.58 8.61 -32.45
CA TYR B 121 47.76 9.79 -32.53
C TYR B 121 46.99 9.80 -33.84
N GLU B 122 45.73 10.22 -33.77
CA GLU B 122 44.93 10.44 -34.96
C GLU B 122 43.91 11.54 -34.63
N PRO B 123 43.83 12.63 -35.43
CA PRO B 123 42.89 13.71 -35.12
C PRO B 123 41.47 13.20 -35.27
N TRP B 124 40.58 13.76 -34.45
CA TRP B 124 39.18 13.38 -34.41
C TRP B 124 38.45 13.89 -35.64
N ILE B 125 37.68 13.02 -36.32
CA ILE B 125 36.91 13.43 -37.49
C ILE B 125 35.46 12.98 -37.37
N ASP B 126 34.96 12.83 -36.13
CA ASP B 126 33.55 12.61 -35.87
C ASP B 126 33.10 11.30 -36.49
N ASP B 127 33.89 10.24 -36.26
CA ASP B 127 33.58 8.95 -36.85
C ASP B 127 34.25 7.89 -36.00
N PHE B 128 33.49 7.34 -35.05
CA PHE B 128 33.98 6.33 -34.13
C PHE B 128 34.50 5.11 -34.88
N SER B 129 33.82 4.72 -35.98
CA SER B 129 34.24 3.56 -36.76
C SER B 129 35.63 3.76 -37.38
N PHE B 130 35.92 4.98 -37.86
CA PHE B 130 37.22 5.28 -38.45
C PHE B 130 38.29 5.04 -37.39
N HIS B 131 38.07 5.61 -36.21
CA HIS B 131 39.08 5.50 -35.17
C HIS B 131 39.25 4.04 -34.74
N ARG B 132 38.15 3.28 -34.61
CA ARG B 132 38.29 1.89 -34.19
C ARG B 132 38.91 1.02 -35.29
N ASN B 133 38.64 1.37 -36.56
CA ASN B 133 39.18 0.62 -37.69
C ASN B 133 40.68 0.91 -37.82
N LYS B 134 41.13 2.06 -37.31
CA LYS B 134 42.55 2.39 -37.27
C LYS B 134 43.23 1.48 -36.23
N LEU B 135 42.60 1.28 -35.07
CA LEU B 135 43.17 0.37 -34.07
C LEU B 135 43.34 -1.06 -34.63
N ILE B 136 42.35 -1.55 -35.40
CA ILE B 136 42.44 -2.86 -36.04
C ILE B 136 43.71 -2.89 -36.91
N SER B 137 43.95 -1.78 -37.61
CA SER B 137 45.05 -1.62 -38.55
C SER B 137 46.39 -1.81 -37.86
N LEU B 138 46.48 -1.33 -36.62
CA LEU B 138 47.74 -1.27 -35.90
C LEU B 138 47.95 -2.51 -35.04
N THR B 139 46.96 -3.42 -34.99
CA THR B 139 46.99 -4.55 -34.08
C THR B 139 47.92 -5.63 -34.65
N SER B 140 48.78 -6.18 -33.78
CA SER B 140 49.70 -7.27 -34.13
C SER B 140 49.11 -8.63 -33.76
N SER B 141 48.17 -8.64 -32.81
CA SER B 141 47.69 -9.89 -32.24
C SER B 141 46.67 -10.57 -33.17
N GLU B 142 46.18 -11.73 -32.75
CA GLU B 142 45.16 -12.47 -33.48
C GLU B 142 43.79 -11.84 -33.22
N TRP B 143 43.59 -11.34 -32.00
CA TRP B 143 42.33 -10.81 -31.52
C TRP B 143 42.51 -9.36 -31.09
N ILE B 144 41.40 -8.62 -31.08
CA ILE B 144 41.34 -7.33 -30.44
C ILE B 144 40.19 -7.35 -29.43
N TYR B 145 40.41 -6.69 -28.29
CA TYR B 145 39.38 -6.32 -27.34
C TYR B 145 39.43 -4.81 -27.14
N TYR B 146 38.28 -4.16 -27.27
CA TYR B 146 38.18 -2.73 -27.05
C TYR B 146 37.56 -2.42 -25.69
N ILE B 147 38.25 -1.56 -24.91
CA ILE B 147 37.70 -0.99 -23.69
C ILE B 147 37.80 0.52 -23.81
N ASP B 148 36.88 1.26 -23.17
CA ASP B 148 36.91 2.71 -23.24
C ASP B 148 37.59 3.24 -21.98
N ALA B 149 38.01 4.50 -22.02
CA ALA B 149 38.86 5.09 -20.99
C ALA B 149 38.10 5.28 -19.68
N ASP B 150 36.77 5.44 -19.77
CA ASP B 150 35.91 5.57 -18.60
C ASP B 150 35.34 4.21 -18.17
N ASN B 151 35.91 3.12 -18.70
CA ASN B 151 35.57 1.78 -18.27
C ASN B 151 36.72 1.24 -17.41
N TYR B 152 36.41 0.24 -16.57
CA TYR B 152 37.44 -0.56 -15.91
C TYR B 152 36.93 -1.95 -15.57
N CYS B 153 37.82 -2.97 -15.69
CA CYS B 153 37.48 -4.34 -15.34
C CYS B 153 37.50 -4.54 -13.83
N VAL B 154 36.58 -5.37 -13.35
CA VAL B 154 36.62 -5.86 -11.99
C VAL B 154 37.55 -7.06 -11.93
N ASP B 155 37.06 -8.23 -12.37
CA ASP B 155 37.72 -9.50 -12.13
C ASP B 155 38.42 -9.97 -13.40
N SER B 156 39.65 -9.47 -13.60
CA SER B 156 40.44 -9.77 -14.77
C SER B 156 40.53 -11.28 -14.98
N THR B 157 41.29 -11.95 -14.09
CA THR B 157 41.35 -13.40 -13.96
C THR B 157 41.78 -14.10 -15.27
N ASN B 158 42.38 -13.35 -16.20
CA ASN B 158 42.87 -13.95 -17.42
C ASN B 158 41.71 -14.39 -18.32
N LYS B 159 40.49 -13.88 -18.09
CA LYS B 159 39.30 -14.43 -18.74
C LYS B 159 39.26 -14.09 -20.23
N PHE B 160 39.91 -13.00 -20.64
CA PHE B 160 39.92 -12.59 -22.04
C PHE B 160 40.69 -13.62 -22.87
N LYS B 161 41.86 -13.98 -22.36
CA LYS B 161 42.70 -15.01 -22.96
C LYS B 161 41.95 -16.31 -23.07
N ARG B 162 41.27 -16.71 -21.98
CA ARG B 162 40.57 -17.97 -21.92
C ARG B 162 39.43 -17.98 -22.94
N VAL B 163 38.68 -16.87 -23.04
CA VAL B 163 37.53 -16.83 -23.93
C VAL B 163 38.03 -16.96 -25.37
N ALA B 164 39.04 -16.16 -25.74
CA ALA B 164 39.61 -16.21 -27.07
C ALA B 164 40.03 -17.64 -27.42
N LYS B 165 40.73 -18.30 -26.50
CA LYS B 165 41.22 -19.66 -26.73
C LYS B 165 40.06 -20.61 -27.00
N LEU B 166 39.00 -20.52 -26.19
CA LEU B 166 37.84 -21.38 -26.36
C LEU B 166 37.17 -21.16 -27.70
N ILE B 167 36.91 -19.89 -28.06
CA ILE B 167 36.18 -19.57 -29.28
C ILE B 167 36.97 -20.04 -30.49
N GLN B 168 38.28 -19.78 -30.48
CA GLN B 168 39.16 -20.20 -31.56
CA GLN B 168 39.17 -20.20 -31.55
C GLN B 168 39.18 -21.73 -31.63
N PHE B 169 39.36 -22.39 -30.47
CA PHE B 169 39.51 -23.83 -30.47
C PHE B 169 38.26 -24.52 -31.03
N LEU B 170 37.07 -23.99 -30.70
CA LEU B 170 35.82 -24.60 -31.11
C LEU B 170 35.31 -23.98 -32.41
N SER B 171 36.10 -23.10 -33.04
CA SER B 171 35.77 -22.50 -34.33
C SER B 171 34.36 -21.89 -34.29
N ILE B 172 34.09 -21.04 -33.30
CA ILE B 172 32.81 -20.34 -33.24
C ILE B 172 32.99 -18.97 -33.87
N ASP B 173 32.09 -18.64 -34.80
CA ASP B 173 32.08 -17.41 -35.56
C ASP B 173 31.17 -16.40 -34.83
N CYS B 174 31.77 -15.37 -34.23
CA CYS B 174 31.00 -14.45 -33.40
C CYS B 174 31.79 -13.19 -33.05
N ILE B 175 31.07 -12.22 -32.48
CA ILE B 175 31.68 -11.16 -31.71
C ILE B 175 31.43 -11.49 -30.25
N ILE B 176 32.33 -11.04 -29.37
CA ILE B 176 32.26 -11.28 -27.94
C ILE B 176 31.92 -9.96 -27.27
N SER B 177 30.97 -10.04 -26.34
CA SER B 177 30.58 -8.96 -25.46
C SER B 177 30.90 -9.38 -24.01
N PRO B 178 31.75 -8.63 -23.29
CA PRO B 178 31.77 -8.70 -21.83
C PRO B 178 30.46 -8.04 -21.38
N MET B 179 30.11 -8.17 -20.09
CA MET B 179 28.99 -7.43 -19.53
C MET B 179 29.50 -6.04 -19.11
N ILE B 180 28.66 -5.01 -19.31
CA ILE B 180 29.07 -3.66 -18.95
C ILE B 180 28.04 -3.07 -17.99
N LYS B 181 28.51 -2.73 -16.77
CA LYS B 181 27.68 -2.28 -15.67
C LYS B 181 27.75 -0.75 -15.59
N GLU B 182 26.62 -0.08 -15.82
CA GLU B 182 26.56 1.37 -15.72
C GLU B 182 26.61 1.78 -14.26
N HIS B 183 26.85 3.07 -13.99
CA HIS B 183 27.04 3.55 -12.64
C HIS B 183 25.76 3.37 -11.79
N ILE B 184 24.59 3.35 -12.43
CA ILE B 184 23.35 3.06 -11.73
C ILE B 184 23.25 1.56 -11.38
N GLY B 185 24.10 0.72 -11.97
CA GLY B 185 24.14 -0.70 -11.62
C GLY B 185 23.38 -1.56 -12.64
N HIS B 186 22.91 -0.95 -13.73
CA HIS B 186 22.26 -1.65 -14.83
C HIS B 186 23.33 -2.26 -15.74
N VAL B 187 23.13 -3.51 -16.15
CA VAL B 187 24.14 -4.29 -16.86
C VAL B 187 23.71 -4.49 -18.31
N TYR B 188 24.63 -4.22 -19.25
CA TYR B 188 24.35 -4.39 -20.67
C TYR B 188 25.17 -5.57 -21.20
N THR B 189 24.54 -6.37 -22.08
CA THR B 189 25.12 -7.64 -22.52
C THR B 189 25.48 -7.63 -24.01
N ASP B 190 24.89 -6.74 -24.82
CA ASP B 190 25.20 -6.68 -26.24
C ASP B 190 26.05 -5.44 -26.52
N ASN B 191 27.38 -5.62 -26.54
CA ASN B 191 28.34 -4.52 -26.59
C ASN B 191 29.23 -4.63 -27.83
N ARG B 192 29.66 -5.84 -28.17
CA ARG B 192 30.34 -6.15 -29.43
C ARG B 192 31.72 -5.53 -29.46
N LYS B 193 32.62 -6.04 -28.61
CA LYS B 193 33.87 -5.38 -28.30
C LYS B 193 35.09 -6.26 -28.58
N MET B 194 34.95 -7.56 -28.82
CA MET B 194 36.11 -8.44 -28.96
C MET B 194 35.92 -9.44 -30.11
N PHE B 195 36.90 -9.49 -31.02
CA PHE B 195 36.81 -10.37 -32.18
C PHE B 195 38.20 -10.58 -32.77
N SER B 196 38.28 -11.60 -33.64
CA SER B 196 39.49 -11.84 -34.41
C SER B 196 39.64 -10.79 -35.49
N VAL B 197 40.87 -10.38 -35.76
CA VAL B 197 41.17 -9.35 -36.75
C VAL B 197 41.60 -9.99 -38.07
N LYS B 198 41.35 -11.28 -38.25
CA LYS B 198 41.85 -11.99 -39.42
C LYS B 198 40.74 -12.30 -40.41
N LYS B 199 39.55 -11.73 -40.20
CA LYS B 199 38.38 -12.11 -40.98
C LYS B 199 37.77 -10.93 -41.73
N GLY B 200 38.45 -9.79 -41.74
CA GLY B 200 37.98 -8.65 -42.52
C GLY B 200 36.81 -7.90 -41.87
N ILE B 201 36.63 -8.10 -40.56
CA ILE B 201 35.62 -7.38 -39.82
C ILE B 201 36.00 -5.90 -39.75
N GLN B 202 35.00 -5.03 -39.95
CA GLN B 202 35.17 -3.60 -39.85
C GLN B 202 33.96 -3.00 -39.12
N PHE B 203 34.20 -2.01 -38.26
CA PHE B 203 33.13 -1.18 -37.70
C PHE B 203 32.48 -0.31 -38.78
N LYS B 204 31.18 -0.09 -38.65
CA LYS B 204 30.47 0.89 -39.46
C LYS B 204 29.56 1.76 -38.59
N GLY B 205 29.38 3.01 -39.03
CA GLY B 205 28.64 4.01 -38.30
C GLY B 205 29.53 4.98 -37.54
N LYS B 206 29.17 6.28 -37.63
CA LYS B 206 29.94 7.35 -37.01
C LYS B 206 29.74 7.37 -35.50
N VAL B 207 28.63 6.81 -35.02
CA VAL B 207 28.38 6.73 -33.59
C VAL B 207 27.48 5.52 -33.38
N HIS B 208 27.43 4.98 -32.17
CA HIS B 208 26.69 3.72 -31.97
C HIS B 208 27.17 2.67 -32.97
N GLU B 209 28.48 2.72 -33.25
CA GLU B 209 29.13 1.85 -34.23
C GLU B 209 29.03 0.39 -33.80
N GLU B 210 29.16 -0.51 -34.79
CA GLU B 210 29.16 -1.93 -34.49
C GLU B 210 30.05 -2.64 -35.51
N PRO B 211 30.59 -3.82 -35.17
CA PRO B 211 31.36 -4.63 -36.12
C PRO B 211 30.46 -5.32 -37.15
N ILE B 212 30.87 -5.27 -38.43
CA ILE B 212 30.16 -5.88 -39.55
C ILE B 212 31.11 -6.86 -40.27
N ASN B 213 30.58 -8.01 -40.66
CA ASN B 213 31.35 -8.98 -41.43
C ASN B 213 31.73 -8.40 -42.79
N ALA B 214 32.82 -8.92 -43.37
CA ALA B 214 33.39 -8.36 -44.60
C ALA B 214 32.41 -8.49 -45.76
N ASP B 215 31.45 -9.41 -45.65
CA ASP B 215 30.40 -9.55 -46.66
C ASP B 215 29.20 -8.67 -46.33
N GLY B 216 29.28 -7.85 -45.28
CA GLY B 216 28.17 -7.00 -44.91
C GLY B 216 27.13 -7.67 -44.02
N SER B 217 27.27 -8.96 -43.67
CA SER B 217 26.32 -9.59 -42.77
C SER B 217 26.59 -9.18 -41.32
N ILE B 218 25.57 -9.33 -40.47
CA ILE B 218 25.63 -8.92 -39.08
C ILE B 218 26.07 -10.12 -38.25
N PRO B 219 27.21 -10.05 -37.54
CA PRO B 219 27.69 -11.21 -36.79
C PRO B 219 26.81 -11.53 -35.59
N GLN B 220 26.90 -12.79 -35.16
CA GLN B 220 26.28 -13.26 -33.95
C GLN B 220 27.10 -12.72 -32.76
N ASN B 221 26.40 -12.26 -31.71
CA ASN B 221 27.06 -11.80 -30.50
C ASN B 221 26.96 -12.88 -29.43
N ILE B 222 28.05 -13.08 -28.69
CA ILE B 222 28.07 -13.99 -27.56
C ILE B 222 28.57 -13.24 -26.34
N THR B 223 27.79 -13.27 -25.25
CA THR B 223 28.13 -12.56 -24.04
C THR B 223 28.91 -13.49 -23.14
N VAL B 224 29.96 -12.95 -22.50
CA VAL B 224 30.83 -13.74 -21.64
C VAL B 224 30.80 -13.16 -20.22
N ASP B 225 31.21 -13.99 -19.26
CA ASP B 225 31.07 -13.69 -17.86
C ASP B 225 32.29 -12.90 -17.40
N ILE B 226 32.49 -11.72 -18.01
CA ILE B 226 33.49 -10.74 -17.63
C ILE B 226 32.79 -9.41 -17.37
N MET B 227 33.00 -8.82 -16.18
CA MET B 227 32.28 -7.62 -15.77
C MET B 227 33.19 -6.40 -15.96
N ILE B 228 32.68 -5.43 -16.74
CA ILE B 228 33.34 -4.15 -16.95
C ILE B 228 32.42 -3.04 -16.44
N CYS B 229 32.97 -2.07 -15.72
CA CYS B 229 32.19 -0.94 -15.22
C CYS B 229 32.33 0.27 -16.12
N HIS B 230 31.36 1.17 -16.03
CA HIS B 230 31.37 2.42 -16.77
C HIS B 230 30.76 3.51 -15.91
N ASP B 231 31.34 4.72 -15.94
CA ASP B 231 30.75 5.84 -15.25
C ASP B 231 30.56 7.02 -16.21
N GLY B 232 30.54 6.72 -17.52
CA GLY B 232 30.43 7.76 -18.53
C GLY B 232 29.08 8.47 -18.53
N TYR B 233 28.08 7.91 -17.81
CA TYR B 233 26.76 8.50 -17.76
C TYR B 233 26.44 8.98 -16.35
N ASP B 234 27.47 9.07 -15.49
CA ASP B 234 27.26 9.55 -14.14
C ASP B 234 27.20 11.07 -14.17
N PRO B 235 26.03 11.69 -13.89
CA PRO B 235 25.90 13.16 -13.95
C PRO B 235 26.71 13.91 -12.90
N GLU B 236 27.16 13.22 -11.86
CA GLU B 236 28.01 13.83 -10.86
C GLU B 236 29.42 14.06 -11.42
N VAL B 237 29.80 13.28 -12.44
CA VAL B 237 31.18 13.30 -12.93
C VAL B 237 31.26 13.97 -14.30
N ILE B 238 30.29 13.75 -15.18
CA ILE B 238 30.40 14.25 -16.54
C ILE B 238 29.15 15.05 -16.89
N ASN B 239 29.30 15.93 -17.90
CA ASN B 239 28.21 16.70 -18.44
C ASN B 239 27.43 15.85 -19.44
N LEU B 240 26.29 15.30 -18.98
CA LEU B 240 25.52 14.36 -19.76
C LEU B 240 25.01 15.04 -21.04
N SER B 241 24.74 16.35 -20.97
CA SER B 241 24.13 17.09 -22.06
C SER B 241 25.11 17.26 -23.22
N GLU B 242 26.38 17.46 -22.88
CA GLU B 242 27.48 17.52 -23.84
C GLU B 242 27.54 16.25 -24.70
N LYS B 243 27.44 15.07 -24.07
CA LYS B 243 27.53 13.82 -24.80
C LYS B 243 26.26 13.57 -25.60
N ASN B 244 25.09 13.91 -25.02
CA ASN B 244 23.85 13.74 -25.75
C ASN B 244 23.91 14.59 -27.02
N ASP B 245 24.52 15.79 -26.93
CA ASP B 245 24.65 16.67 -28.09
C ASP B 245 25.62 16.08 -29.11
N ARG B 246 26.73 15.48 -28.65
CA ARG B 246 27.65 14.82 -29.55
C ARG B 246 26.92 13.73 -30.35
N ASN B 247 26.13 12.90 -29.64
CA ASN B 247 25.47 11.76 -30.26
C ASN B 247 24.42 12.19 -31.28
N ILE B 248 23.59 13.17 -30.90
CA ILE B 248 22.62 13.76 -31.82
C ILE B 248 23.33 14.27 -33.08
N LYS B 249 24.44 14.98 -32.92
CA LYS B 249 25.12 15.52 -34.10
C LYS B 249 25.48 14.38 -35.05
N LEU B 250 26.08 13.31 -34.52
CA LEU B 250 26.59 12.24 -35.37
C LEU B 250 25.44 11.35 -35.87
N THR B 251 24.39 11.18 -35.04
CA THR B 251 23.26 10.40 -35.49
C THR B 251 22.60 11.06 -36.70
N ARG B 252 22.38 12.38 -36.59
CA ARG B 252 21.83 13.17 -37.68
C ARG B 252 22.70 13.00 -38.92
N GLN B 253 24.01 13.06 -38.77
CA GLN B 253 24.91 12.79 -39.88
C GLN B 253 24.60 11.43 -40.50
N MET B 254 24.38 10.39 -39.67
CA MET B 254 24.18 9.05 -40.20
C MET B 254 22.84 8.93 -40.91
N MET B 255 21.81 9.65 -40.43
CA MET B 255 20.49 9.66 -41.08
C MET B 255 20.60 10.23 -42.49
N GLU B 256 21.40 11.30 -42.64
CA GLU B 256 21.60 11.92 -43.93
C GLU B 256 22.30 10.94 -44.87
N GLU B 257 23.30 10.21 -44.35
CA GLU B 257 24.01 9.21 -45.14
C GLU B 257 23.11 8.03 -45.50
N GLU B 258 22.27 7.59 -44.55
CA GLU B 258 21.55 6.33 -44.67
C GLU B 258 20.10 6.51 -44.24
N PRO B 259 19.25 7.28 -44.98
CA PRO B 259 17.84 7.35 -44.65
C PRO B 259 17.31 5.96 -44.98
N SER B 260 16.13 5.63 -44.48
CA SER B 260 15.58 4.28 -44.63
C SER B 260 16.42 3.24 -43.87
N ASN B 261 17.50 3.65 -43.19
CA ASN B 261 18.08 2.78 -42.17
C ASN B 261 17.41 3.09 -40.84
N PRO B 262 16.57 2.17 -40.30
CA PRO B 262 15.81 2.42 -39.08
C PRO B 262 16.71 2.65 -37.88
N LYS B 263 17.93 2.11 -37.92
CA LYS B 263 18.83 2.17 -36.78
C LYS B 263 18.96 3.60 -36.30
N TRP B 264 19.18 4.53 -37.25
CA TRP B 264 19.53 5.90 -36.90
C TRP B 264 18.29 6.68 -36.45
N LEU B 265 17.12 6.33 -37.00
CA LEU B 265 15.88 6.93 -36.55
C LEU B 265 15.62 6.57 -35.09
N TYR B 266 15.82 5.29 -34.73
CA TYR B 266 15.66 4.89 -33.34
C TYR B 266 16.60 5.72 -32.44
N PHE B 267 17.88 5.80 -32.81
CA PHE B 267 18.85 6.42 -31.93
C PHE B 267 18.57 7.91 -31.85
N TYR B 268 18.09 8.49 -32.95
CA TYR B 268 17.73 9.90 -32.95
C TYR B 268 16.57 10.10 -31.96
N ALA B 269 15.54 9.24 -32.08
CA ALA B 269 14.41 9.29 -31.16
C ALA B 269 14.87 9.17 -29.71
N ARG B 270 15.76 8.20 -29.44
CA ARG B 270 16.25 7.91 -28.11
C ARG B 270 16.99 9.12 -27.55
N GLU B 271 17.78 9.80 -28.39
CA GLU B 271 18.58 10.93 -27.92
C GLU B 271 17.69 12.13 -27.66
N LEU B 272 16.65 12.32 -28.48
CA LEU B 272 15.73 13.42 -28.26
C LEU B 272 14.95 13.19 -26.98
N HIS B 273 14.67 11.92 -26.68
CA HIS B 273 13.97 11.53 -25.46
C HIS B 273 14.80 11.83 -24.22
N TYR B 274 16.13 11.59 -24.27
CA TYR B 274 17.01 11.92 -23.15
C TYR B 274 16.99 13.44 -22.93
N ALA B 275 16.87 14.22 -24.01
CA ALA B 275 16.88 15.68 -23.91
C ALA B 275 15.48 16.24 -23.61
N SER B 276 14.53 15.36 -23.26
CA SER B 276 13.16 15.75 -22.93
C SER B 276 12.53 16.62 -24.01
N GLU B 277 12.77 16.30 -25.28
CA GLU B 277 12.13 16.96 -26.40
C GLU B 277 10.68 16.48 -26.57
N ASP B 278 9.96 17.13 -27.49
CA ASP B 278 8.55 16.87 -27.80
C ASP B 278 8.33 15.39 -28.06
N THR B 279 7.47 14.74 -27.26
CA THR B 279 7.26 13.29 -27.35
C THR B 279 6.53 12.94 -28.64
N HIS B 280 5.77 13.87 -29.21
CA HIS B 280 5.06 13.55 -30.44
C HIS B 280 6.04 13.41 -31.61
N ILE B 281 7.12 14.21 -31.60
CA ILE B 281 8.21 14.08 -32.57
C ILE B 281 8.93 12.74 -32.37
N ILE B 282 9.23 12.42 -31.10
CA ILE B 282 9.85 11.15 -30.78
C ILE B 282 8.96 10.01 -31.28
N GLU B 283 7.66 10.16 -31.02
CA GLU B 283 6.67 9.13 -31.32
C GLU B 283 6.65 8.84 -32.82
N THR B 284 6.66 9.90 -33.62
CA THR B 284 6.58 9.83 -35.07
C THR B 284 7.86 9.21 -35.64
N LEU B 285 9.01 9.55 -35.07
CA LEU B 285 10.29 9.01 -35.49
C LEU B 285 10.30 7.49 -35.26
N LEU B 286 9.80 7.05 -34.09
CA LEU B 286 9.81 5.63 -33.76
C LEU B 286 8.84 4.85 -34.65
N ILE B 287 7.65 5.41 -34.89
CA ILE B 287 6.69 4.78 -35.79
C ILE B 287 7.32 4.58 -37.17
N LYS B 288 7.99 5.60 -37.69
CA LYS B 288 8.66 5.55 -38.97
C LYS B 288 9.76 4.49 -38.98
N ALA B 289 10.55 4.44 -37.90
CA ALA B 289 11.61 3.43 -37.76
C ALA B 289 11.01 2.04 -37.83
N ILE B 290 9.98 1.78 -37.03
CA ILE B 290 9.40 0.45 -36.96
C ILE B 290 8.89 0.06 -38.35
N ASP B 291 8.27 1.00 -39.06
CA ASP B 291 7.80 0.73 -40.42
C ASP B 291 8.98 0.42 -41.34
N LEU B 292 10.12 1.13 -41.17
CA LEU B 292 11.29 0.93 -42.02
C LEU B 292 11.94 -0.43 -41.78
N TYR B 293 11.80 -0.95 -40.56
CA TYR B 293 12.42 -2.23 -40.22
C TYR B 293 11.94 -3.31 -41.17
N LYS B 294 10.74 -3.15 -41.76
CA LYS B 294 10.11 -4.17 -42.58
C LYS B 294 10.76 -4.29 -43.96
N GLN B 295 11.53 -3.28 -44.38
CA GLN B 295 12.28 -3.33 -45.61
C GLN B 295 13.67 -3.91 -45.38
N SER B 296 14.02 -4.13 -44.10
CA SER B 296 15.40 -4.31 -43.69
C SER B 296 15.64 -5.72 -43.18
N THR B 297 16.74 -6.35 -43.62
CA THR B 297 17.31 -7.51 -42.95
C THR B 297 17.86 -7.14 -41.57
N TYR B 298 18.34 -5.90 -41.43
CA TYR B 298 18.85 -5.41 -40.16
C TYR B 298 17.69 -5.29 -39.17
N LYS B 299 17.74 -6.06 -38.09
CA LYS B 299 16.68 -6.10 -37.09
C LYS B 299 17.13 -5.55 -35.73
N ARG B 300 18.42 -5.27 -35.54
CA ARG B 300 18.90 -4.86 -34.24
C ARG B 300 18.23 -3.54 -33.85
N TYR B 301 17.80 -3.49 -32.58
CA TYR B 301 17.15 -2.33 -31.96
C TYR B 301 15.65 -2.23 -32.28
N GLN B 302 15.07 -3.06 -33.16
CA GLN B 302 13.64 -2.99 -33.42
C GLN B 302 12.88 -3.19 -32.11
N PRO B 303 13.21 -4.21 -31.29
CA PRO B 303 12.56 -4.37 -30.00
C PRO B 303 12.68 -3.12 -29.14
N GLU B 304 13.89 -2.54 -29.06
CA GLU B 304 14.13 -1.38 -28.22
C GLU B 304 13.29 -0.19 -28.69
N ALA B 305 13.14 -0.02 -30.02
CA ALA B 305 12.34 1.06 -30.60
C ALA B 305 10.86 0.87 -30.25
N ILE B 306 10.37 -0.37 -30.35
CA ILE B 306 8.98 -0.66 -30.05
C ILE B 306 8.72 -0.33 -28.59
N LEU B 307 9.67 -0.68 -27.72
CA LEU B 307 9.48 -0.53 -26.28
C LEU B 307 9.55 0.93 -25.85
N LEU B 308 10.39 1.74 -26.50
CA LEU B 308 10.41 3.18 -26.21
C LEU B 308 9.06 3.80 -26.59
N LEU B 309 8.51 3.42 -27.75
CA LEU B 309 7.22 3.90 -28.19
C LEU B 309 6.15 3.49 -27.17
N CYS B 310 6.19 2.22 -26.76
CA CYS B 310 5.30 1.73 -25.72
C CYS B 310 5.35 2.61 -24.48
N SER B 311 6.56 2.99 -24.02
CA SER B 311 6.67 3.78 -22.80
C SER B 311 5.91 5.09 -22.96
N ILE B 312 6.06 5.74 -24.12
CA ILE B 312 5.38 6.99 -24.40
C ILE B 312 3.86 6.77 -24.49
N LEU B 313 3.43 5.72 -25.18
CA LEU B 313 2.01 5.46 -25.39
C LEU B 313 1.32 5.16 -24.05
N PHE B 314 1.99 4.39 -23.20
CA PHE B 314 1.47 4.13 -21.87
C PHE B 314 1.32 5.44 -21.08
N GLN B 315 2.34 6.28 -21.13
CA GLN B 315 2.30 7.57 -20.47
C GLN B 315 1.13 8.42 -20.98
N LYS B 316 0.85 8.37 -22.29
CA LYS B 316 -0.21 9.18 -22.84
C LYS B 316 -1.56 8.47 -22.72
N ARG B 317 -1.58 7.27 -22.12
CA ARG B 317 -2.79 6.50 -21.88
C ARG B 317 -3.44 6.04 -23.19
N GLN B 318 -2.66 5.89 -24.26
CA GLN B 318 -3.22 5.42 -25.52
C GLN B 318 -3.16 3.90 -25.54
N ILE B 319 -4.05 3.30 -24.72
CA ILE B 319 -3.98 1.89 -24.38
C ILE B 319 -4.22 1.02 -25.62
N ARG B 320 -5.16 1.41 -26.48
CA ARG B 320 -5.47 0.66 -27.68
C ARG B 320 -4.22 0.54 -28.56
N LYS B 321 -3.65 1.69 -28.92
CA LYS B 321 -2.46 1.74 -29.74
C LYS B 321 -1.33 0.96 -29.06
N LEU B 322 -1.19 1.13 -27.74
CA LEU B 322 -0.14 0.47 -26.98
C LEU B 322 -0.25 -1.04 -27.16
N ASN B 323 -1.49 -1.56 -27.09
CA ASN B 323 -1.70 -3.00 -27.19
C ASN B 323 -1.35 -3.51 -28.59
N GLU B 324 -1.54 -2.68 -29.61
CA GLU B 324 -1.19 -3.06 -30.98
C GLU B 324 0.32 -3.24 -31.10
N TYR B 325 1.12 -2.35 -30.48
CA TYR B 325 2.57 -2.46 -30.53
C TYR B 325 3.07 -3.57 -29.61
N LEU B 326 2.37 -3.86 -28.50
CA LEU B 326 2.76 -5.00 -27.70
C LEU B 326 2.50 -6.28 -28.48
N ASP B 327 1.35 -6.36 -29.17
CA ASP B 327 1.04 -7.51 -29.99
C ASP B 327 2.16 -7.69 -31.04
N LEU B 328 2.52 -6.61 -31.73
CA LEU B 328 3.58 -6.68 -32.73
C LEU B 328 4.84 -7.27 -32.08
N LEU B 329 5.20 -6.79 -30.88
CA LEU B 329 6.44 -7.21 -30.24
C LEU B 329 6.35 -8.69 -29.87
N GLU B 330 5.19 -9.12 -29.36
CA GLU B 330 4.95 -10.51 -29.02
C GLU B 330 5.19 -11.41 -30.23
N GLU B 331 4.76 -10.95 -31.40
CA GLU B 331 4.91 -11.70 -32.65
C GLU B 331 6.40 -11.79 -33.01
N LEU B 332 7.12 -10.66 -32.96
CA LEU B 332 8.53 -10.62 -33.33
C LEU B 332 9.39 -11.36 -32.32
N GLN B 333 9.02 -11.35 -31.03
CA GLN B 333 9.90 -11.85 -29.98
C GLN B 333 9.11 -12.67 -28.96
N PRO B 334 8.61 -13.87 -29.36
CA PRO B 334 7.68 -14.64 -28.53
C PRO B 334 8.06 -14.77 -27.06
N LEU B 335 9.37 -14.82 -26.78
CA LEU B 335 9.83 -15.11 -25.43
C LEU B 335 10.34 -13.86 -24.72
N CYS B 336 10.00 -12.67 -25.25
CA CYS B 336 10.39 -11.42 -24.61
C CYS B 336 9.50 -11.11 -23.41
N SER B 337 10.11 -10.90 -22.24
CA SER B 337 9.38 -10.69 -20.99
C SER B 337 8.67 -9.35 -20.95
N ASP B 338 9.09 -8.40 -21.80
CA ASP B 338 8.66 -7.01 -21.68
C ASP B 338 7.20 -6.85 -22.08
N VAL B 339 6.69 -7.78 -22.90
CA VAL B 339 5.31 -7.73 -23.34
C VAL B 339 4.39 -7.85 -22.11
N ASN B 340 4.61 -8.86 -21.28
CA ASN B 340 3.74 -9.12 -20.14
C ASN B 340 4.05 -8.11 -19.05
N TYR B 341 5.26 -7.58 -19.05
CA TYR B 341 5.57 -6.47 -18.16
C TYR B 341 4.57 -5.34 -18.39
N TYR B 342 4.36 -4.98 -19.67
CA TYR B 342 3.53 -3.85 -20.04
C TYR B 342 2.07 -4.23 -19.87
N ARG B 343 1.69 -5.46 -20.26
CA ARG B 343 0.33 -5.91 -20.06
C ARG B 343 -0.01 -5.78 -18.58
N SER B 344 0.97 -6.07 -17.72
CA SER B 344 0.77 -6.00 -16.28
C SER B 344 0.64 -4.55 -15.81
N LEU B 345 1.39 -3.62 -16.45
CA LEU B 345 1.34 -2.21 -16.06
C LEU B 345 -0.06 -1.68 -16.35
N ILE B 346 -0.61 -2.03 -17.50
CA ILE B 346 -1.95 -1.62 -17.89
C ILE B 346 -2.96 -2.08 -16.83
N LEU B 347 -2.91 -3.36 -16.47
CA LEU B 347 -3.86 -3.91 -15.51
C LEU B 347 -3.75 -3.15 -14.19
N PHE B 348 -2.52 -2.93 -13.72
CA PHE B 348 -2.31 -2.32 -12.42
C PHE B 348 -2.82 -0.89 -12.40
N TYR B 349 -2.61 -0.16 -13.49
CA TYR B 349 -3.09 1.20 -13.59
C TYR B 349 -4.60 1.24 -13.38
N ASP B 350 -5.30 0.31 -14.02
CA ASP B 350 -6.76 0.31 -13.94
C ASP B 350 -7.21 -0.06 -12.52
N ILE B 351 -6.49 -1.00 -11.89
CA ILE B 351 -6.77 -1.37 -10.52
C ILE B 351 -6.66 -0.13 -9.63
N ARG B 352 -5.60 0.67 -9.78
CA ARG B 352 -5.40 1.80 -8.88
C ARG B 352 -6.47 2.86 -9.14
N LEU B 353 -6.85 3.03 -10.41
CA LEU B 353 -7.93 3.92 -10.79
C LEU B 353 -9.22 3.52 -10.06
N LYS B 354 -9.61 2.24 -10.16
CA LYS B 354 -10.80 1.74 -9.48
C LYS B 354 -10.74 2.01 -7.98
N THR B 355 -9.57 1.76 -7.39
CA THR B 355 -9.40 2.00 -5.96
C THR B 355 -9.61 3.49 -5.67
N GLY B 356 -9.04 4.36 -6.49
CA GLY B 356 -9.15 5.80 -6.22
C GLY B 356 -10.60 6.28 -6.27
N LYS B 357 -11.37 5.76 -7.23
CA LYS B 357 -12.75 6.13 -7.35
C LYS B 357 -13.54 5.62 -6.16
N LEU B 358 -13.21 4.42 -5.66
CA LEU B 358 -13.91 3.87 -4.52
C LEU B 358 -13.66 4.77 -3.31
N LEU B 359 -12.40 5.13 -3.11
CA LEU B 359 -12.01 5.99 -2.00
C LEU B 359 -12.82 7.28 -2.05
N ASP B 360 -12.88 7.91 -3.24
CA ASP B 360 -13.52 9.21 -3.41
C ASP B 360 -15.03 9.07 -3.18
N THR B 361 -15.63 8.00 -3.73
CA THR B 361 -17.06 7.78 -3.56
C THR B 361 -17.39 7.59 -2.08
N LEU B 362 -16.58 6.82 -1.35
CA LEU B 362 -16.88 6.57 0.05
C LEU B 362 -16.73 7.86 0.85
N LYS B 363 -15.59 8.54 0.66
CA LYS B 363 -15.26 9.75 1.41
C LYS B 363 -16.40 10.76 1.31
N SER B 364 -16.97 10.93 0.11
CA SER B 364 -17.89 12.03 -0.14
C SER B 364 -19.35 11.61 -0.02
N SER B 365 -19.63 10.33 0.27
CA SER B 365 -20.98 9.90 0.58
C SER B 365 -21.19 9.91 2.09
N GLU B 366 -20.11 9.69 2.85
CA GLU B 366 -20.11 9.89 4.30
C GLU B 366 -18.97 10.83 4.66
N LEU B 367 -19.06 12.06 4.16
CA LEU B 367 -18.15 13.13 4.50
C LEU B 367 -18.76 13.92 5.66
N GLU B 368 -19.18 13.19 6.71
CA GLU B 368 -19.90 13.75 7.83
C GLU B 368 -21.24 14.32 7.37
N ASN B 369 -21.82 13.74 6.31
CA ASN B 369 -22.96 14.32 5.61
C ASN B 369 -24.25 14.06 6.39
N ASN B 370 -24.22 14.31 7.73
CA ASN B 370 -25.36 14.09 8.61
C ASN B 370 -25.54 12.60 8.90
N LYS B 371 -25.43 11.75 7.86
CA LYS B 371 -25.64 10.31 7.97
C LYS B 371 -24.90 9.76 9.19
N TYR B 372 -25.47 8.68 9.77
CA TYR B 372 -25.06 8.19 11.08
C TYR B 372 -24.62 6.72 10.99
N SER B 373 -23.72 6.32 11.90
CA SER B 373 -23.25 4.96 12.05
C SER B 373 -23.95 4.30 13.23
N PHE B 374 -23.91 2.96 13.28
CA PHE B 374 -24.28 2.21 14.47
C PHE B 374 -23.06 1.44 14.99
N ILE B 375 -21.98 1.47 14.21
CA ILE B 375 -20.78 0.71 14.52
C ILE B 375 -19.79 1.61 15.27
N ASP B 376 -19.79 2.89 14.89
CA ASP B 376 -18.92 3.86 15.51
C ASP B 376 -19.44 5.25 15.16
N SER B 377 -19.83 5.99 16.20
CA SER B 377 -20.29 7.36 16.05
C SER B 377 -19.20 8.20 15.39
N SER B 378 -17.93 7.93 15.73
CA SER B 378 -16.81 8.74 15.26
C SER B 378 -16.48 8.45 13.80
N LYS B 379 -17.07 7.39 13.23
CA LYS B 379 -16.86 6.98 11.86
C LYS B 379 -15.40 6.62 11.63
N ASP B 380 -14.70 6.19 12.70
CA ASP B 380 -13.29 5.84 12.62
C ASP B 380 -13.09 4.59 11.77
N HIS B 381 -14.10 3.71 11.72
CA HIS B 381 -14.03 2.50 10.93
C HIS B 381 -13.98 2.85 9.44
N ILE B 382 -14.75 3.86 9.01
CA ILE B 382 -14.69 4.37 7.64
C ILE B 382 -13.35 5.05 7.39
N LYS B 383 -12.89 5.84 8.37
CA LYS B 383 -11.62 6.53 8.23
C LYS B 383 -10.51 5.51 8.06
N ALA B 384 -10.58 4.42 8.84
CA ALA B 384 -9.54 3.41 8.80
C ALA B 384 -9.56 2.67 7.46
N LEU B 385 -10.74 2.48 6.88
CA LEU B 385 -10.82 1.86 5.56
C LEU B 385 -10.21 2.80 4.51
N LEU B 386 -10.51 4.10 4.60
CA LEU B 386 -9.96 5.09 3.68
C LEU B 386 -8.44 5.08 3.76
N ILE B 387 -7.91 4.97 4.98
CA ILE B 387 -6.47 4.90 5.18
C ILE B 387 -5.90 3.72 4.39
N GLU B 388 -6.54 2.55 4.51
CA GLU B 388 -6.08 1.38 3.77
C GLU B 388 -6.14 1.65 2.27
N LEU B 389 -7.18 2.33 1.79
CA LEU B 389 -7.27 2.63 0.36
C LEU B 389 -6.12 3.56 -0.06
N TYR B 390 -5.83 4.59 0.75
CA TYR B 390 -4.73 5.49 0.49
C TYR B 390 -3.39 4.76 0.36
N CYS B 391 -3.08 3.85 1.28
CA CYS B 391 -1.83 3.10 1.22
C CYS B 391 -1.81 2.20 -0.02
N SER B 392 -2.98 1.67 -0.36
CA SER B 392 -3.10 0.78 -1.51
C SER B 392 -2.67 1.49 -2.80
N ILE B 393 -3.02 2.77 -2.95
CA ILE B 393 -2.67 3.49 -4.16
C ILE B 393 -1.39 4.29 -3.98
N ASP B 394 -0.63 4.05 -2.91
CA ASP B 394 0.66 4.69 -2.66
C ASP B 394 0.49 6.20 -2.46
N ASP B 395 -0.63 6.61 -1.87
CA ASP B 395 -0.84 7.99 -1.45
C ASP B 395 -0.70 8.04 0.07
N TRP B 396 0.54 7.98 0.53
CA TRP B 396 0.83 7.91 1.96
C TRP B 396 0.56 9.24 2.66
N GLU B 397 0.68 10.36 1.93
CA GLU B 397 0.34 11.66 2.50
C GLU B 397 -1.12 11.70 2.94
N GLY B 398 -2.04 11.26 2.06
CA GLY B 398 -3.46 11.21 2.43
C GLY B 398 -3.70 10.26 3.61
N ALA B 399 -2.89 9.20 3.68
CA ALA B 399 -2.95 8.23 4.76
C ALA B 399 -2.54 8.88 6.08
N PHE B 400 -1.38 9.53 6.10
CA PHE B 400 -0.89 10.17 7.32
C PHE B 400 -1.87 11.26 7.76
N THR B 401 -2.47 11.96 6.79
CA THR B 401 -3.35 13.08 7.12
C THR B 401 -4.56 12.58 7.90
N LEU B 402 -5.25 11.56 7.37
CA LEU B 402 -6.49 11.05 7.96
C LEU B 402 -6.19 10.23 9.22
N PHE B 403 -4.98 9.67 9.30
CA PHE B 403 -4.51 8.97 10.49
C PHE B 403 -4.52 9.89 11.71
N ASP B 404 -4.07 11.14 11.52
CA ASP B 404 -4.05 12.12 12.61
C ASP B 404 -5.46 12.36 13.12
N GLU B 405 -6.46 12.21 12.24
CA GLU B 405 -7.84 12.49 12.57
C GLU B 405 -8.46 11.36 13.40
N LEU B 406 -7.73 10.25 13.62
CA LEU B 406 -8.30 9.08 14.27
C LEU B 406 -8.45 9.33 15.77
N GLN B 407 -9.65 9.03 16.31
CA GLN B 407 -9.95 9.18 17.73
C GLN B 407 -10.07 7.83 18.42
N SER B 408 -9.06 6.97 18.28
CA SER B 408 -9.19 5.61 18.80
C SER B 408 -7.82 4.95 18.90
N THR B 409 -7.82 3.78 19.55
CA THR B 409 -6.62 2.98 19.74
C THR B 409 -6.65 1.78 18.79
N GLU B 410 -7.82 1.13 18.68
CA GLU B 410 -7.97 -0.01 17.78
C GLU B 410 -7.85 0.48 16.33
N ALA B 411 -8.44 1.64 16.03
CA ALA B 411 -8.41 2.21 14.70
C ALA B 411 -6.98 2.56 14.28
N ARG B 412 -6.16 2.97 15.25
CA ARG B 412 -4.83 3.51 15.00
C ARG B 412 -3.80 2.41 14.79
N ASN B 413 -4.07 1.21 15.31
CA ASN B 413 -3.06 0.17 15.44
C ASN B 413 -2.62 -0.30 14.05
N LYS B 414 -3.60 -0.61 13.20
CA LYS B 414 -3.38 -1.18 11.87
C LYS B 414 -2.31 -0.40 11.11
N PHE B 415 -2.34 0.92 11.26
CA PHE B 415 -1.42 1.84 10.58
C PHE B 415 -0.10 1.94 11.33
N LEU B 416 -0.18 2.08 12.67
CA LEU B 416 1.00 2.17 13.52
C LEU B 416 1.87 0.93 13.34
N ARG B 417 1.23 -0.25 13.42
CA ARG B 417 1.88 -1.52 13.19
C ARG B 417 2.70 -1.43 11.91
N ARG B 418 2.03 -1.05 10.82
CA ARG B 418 2.60 -1.06 9.48
C ARG B 418 3.78 -0.10 9.41
N VAL B 419 3.63 1.08 10.03
CA VAL B 419 4.66 2.11 9.99
C VAL B 419 5.88 1.64 10.78
N LYS B 420 5.65 1.01 11.95
CA LYS B 420 6.74 0.51 12.79
C LYS B 420 7.60 -0.45 11.97
N THR B 421 6.95 -1.37 11.26
CA THR B 421 7.67 -2.38 10.50
C THR B 421 8.64 -1.72 9.51
N ILE B 422 8.20 -0.65 8.84
CA ILE B 422 9.00 -0.01 7.80
C ILE B 422 10.28 0.58 8.39
N ASN B 423 10.15 1.33 9.50
CA ASN B 423 11.31 1.98 10.12
C ASN B 423 12.37 0.96 10.49
N THR B 424 11.95 -0.09 11.22
CA THR B 424 12.86 -1.11 11.70
C THR B 424 13.34 -1.90 10.49
N HIS B 425 12.42 -2.67 9.90
CA HIS B 425 12.71 -3.52 8.76
C HIS B 425 13.20 -2.66 7.59
MG MG C . -20.49 -1.15 34.09
C1 U2F D . -24.26 -2.68 31.37
O1 U2F D . -23.29 -2.59 32.40
PB U2F D . -22.10 -3.61 32.76
O1B U2F D . -22.13 -4.85 31.95
O2B U2F D . -20.83 -2.82 32.89
O3A U2F D . -22.58 -4.02 34.23
PA U2F D . -21.96 -3.56 35.66
O1A U2F D . -21.42 -2.19 35.51
O2A U2F D . -21.08 -4.68 36.05
O5' U2F D . -23.30 -3.54 36.52
C5' U2F D . -24.17 -2.36 36.47
C4' U2F D . -24.25 -1.80 37.87
O4' U2F D . -25.01 -2.71 38.71
C1' U2F D . -24.24 -3.07 39.85
C2' U2F D . -22.78 -2.79 39.51
C3' U2F D . -22.90 -1.58 38.56
O3' U2F D . -22.85 -0.32 39.19
O2' U2F D . -22.07 -2.46 40.68
N1 U2F D . -24.51 -4.48 40.18
C6' U2F D . -25.20 -4.76 41.34
O6' U2F D . -25.57 -3.90 42.12
N3 U2F D . -25.42 -6.09 41.59
C7' U2F D . -25.06 -7.15 40.79
O7' U2F D . -25.33 -8.30 41.16
C8' U2F D . -24.35 -6.81 39.60
C9' U2F D . -24.11 -5.51 39.33
C2 U2F D . -24.93 -1.35 31.31
F1 U2F D . -23.98 -0.34 31.04
C3 U2F D . -25.58 -1.11 32.66
O3 U2F D . -26.08 0.21 32.76
C4 U2F D . -26.68 -2.13 32.80
O4 U2F D . -27.38 -1.91 34.00
C5 U2F D . -26.04 -3.52 32.82
C6 U2F D . -27.03 -4.66 32.85
O6 U2F D . -28.13 -4.45 31.95
O5 U2F D . -25.20 -3.71 31.64
MG MG E . 32.20 5.86 -22.10
C1 U2F F . 29.38 4.88 -25.87
O1 U2F F . 30.31 5.52 -25.04
PB U2F F . 30.18 6.93 -24.30
O1B U2F F . 28.93 7.68 -24.64
O2B U2F F . 30.52 6.82 -22.84
O3A U2F F . 31.36 7.73 -25.01
PA U2F F . 32.82 7.92 -24.38
O1A U2F F . 32.83 7.52 -22.94
O2A U2F F . 33.29 9.25 -24.84
O5' U2F F . 33.57 6.74 -25.13
C5' U2F F . 34.25 6.89 -26.35
C4' U2F F . 35.70 6.55 -26.13
O4' U2F F . 36.40 7.21 -27.19
C1' U2F F . 37.16 8.30 -26.69
C2' U2F F . 36.83 8.45 -25.20
C3' U2F F . 36.34 7.04 -24.82
O3' U2F F . 37.37 6.20 -24.31
O2' U2F F . 38.02 8.83 -24.56
N1 U2F F . 36.86 9.49 -27.51
C6' U2F F . 37.86 9.88 -28.38
O6' U2F F . 38.93 9.29 -28.47
N3 U2F F . 37.58 10.99 -29.13
C7' U2F F . 36.42 11.73 -29.11
O7' U2F F . 36.33 12.70 -29.86
C8' U2F F . 35.42 11.26 -28.20
C9' U2F F . 35.67 10.17 -27.45
C2 U2F F . 29.82 3.44 -25.98
F1 U2F F . 29.90 2.89 -24.69
C3 U2F F . 31.17 3.40 -26.66
O3 U2F F . 31.70 2.09 -26.72
C4 U2F F . 31.02 3.96 -28.06
O4 U2F F . 32.27 3.87 -28.72
C5 U2F F . 30.53 5.42 -27.94
C6 U2F F . 30.22 6.07 -29.27
O6 U2F F . 29.28 5.32 -30.04
O5 U2F F . 29.31 5.47 -27.16
#